data_7YPX
#
_entry.id   7YPX
#
loop_
_entity.id
_entity.type
_entity.pdbx_description
1 polymer 'Pam3 tail fiber proreins'
2 polymer 'tail fiber chaperone'
#
loop_
_entity_poly.entity_id
_entity_poly.type
_entity_poly.pdbx_seq_one_letter_code
_entity_poly.pdbx_strand_id
1 'polypeptide(L)'
;HHHHHHSSGMASINLPFSLSGSKRIPTSEELADGYQCGPLDVELDNWLMWWLTGQVDGVIEGAGLTTDDTDLARLYKAIQ
SMTSGNLRTVVLTAASGNLPIPSDVSVLNWVRAVGGGGAGGNSNTGNSKASGGGGGAGFDRFNVAVTPGSNVPYTVGAAG
AVNGLGAGYNGGAGGSTAILGTTAGGGAGGLGVNNNATAVQVNGGTTSGTTPEISYPGGLGTEGIVGTGGGSVLSQPTQR
AFTNAGNNNPANSWGGGGPGGSDFGGAWQPGGVGKQGIIIVQYFSRFAP
;
A,B,C
2 'polypeptide(L)'
;MTDKHYARVVDGLVVETKTLPADFNLDDLFGPDHGWVEAPLEVEQGWRKVGAKFAPAPPPERDPASILAGLKAEASRHIF
ATISATAQSNLLLAVGLASAKAPSARTPEERDLLNVADEGRAWIDAVRARVHALAEHDGVTPKGEDRWPAPSEAVLEMAA
KF
;
a,b,c
#
# COMPACT_ATOMS: atom_id res chain seq x y z
N LEU A 40 -4.01 -47.94 -56.54
CA LEU A 40 -4.48 -48.05 -55.17
C LEU A 40 -4.80 -49.50 -54.80
N ASP A 41 -4.16 -49.98 -53.73
CA ASP A 41 -4.43 -51.33 -53.27
C ASP A 41 -5.81 -51.41 -52.61
N VAL A 42 -6.41 -52.59 -52.68
CA VAL A 42 -7.74 -52.79 -52.10
C VAL A 42 -7.69 -52.63 -50.59
N GLU A 43 -6.60 -53.05 -49.95
CA GLU A 43 -6.46 -52.90 -48.52
C GLU A 43 -5.85 -51.56 -48.12
N LEU A 44 -5.16 -50.88 -49.04
CA LEU A 44 -4.50 -49.62 -48.70
C LEU A 44 -5.51 -48.55 -48.33
N ASP A 45 -6.56 -48.38 -49.13
CA ASP A 45 -7.57 -47.38 -48.82
C ASP A 45 -8.34 -47.74 -47.55
N ASN A 46 -8.58 -49.03 -47.32
CA ASN A 46 -9.22 -49.45 -46.09
C ASN A 46 -8.37 -49.09 -44.88
N TRP A 47 -7.06 -49.35 -44.95
CA TRP A 47 -6.17 -48.97 -43.86
C TRP A 47 -6.15 -47.46 -43.69
N LEU A 48 -6.16 -46.72 -44.80
CA LEU A 48 -6.15 -45.27 -44.73
C LEU A 48 -7.39 -44.74 -44.01
N MET A 49 -8.56 -45.25 -44.39
CA MET A 49 -9.78 -44.78 -43.75
C MET A 49 -9.86 -45.22 -42.30
N TRP A 50 -9.33 -46.41 -41.98
CA TRP A 50 -9.26 -46.82 -40.59
C TRP A 50 -8.38 -45.88 -39.78
N TRP A 51 -7.22 -45.50 -40.33
CA TRP A 51 -6.37 -44.56 -39.63
C TRP A 51 -7.05 -43.21 -39.46
N LEU A 52 -7.74 -42.75 -40.50
CA LEU A 52 -8.46 -41.48 -40.41
C LEU A 52 -9.51 -41.52 -39.31
N THR A 53 -10.31 -42.59 -39.28
CA THR A 53 -11.37 -42.66 -38.28
C THR A 53 -10.78 -42.78 -36.89
N GLY A 54 -9.68 -43.51 -36.73
CA GLY A 54 -9.03 -43.57 -35.44
C GLY A 54 -8.51 -42.22 -34.98
N GLN A 55 -7.83 -41.49 -35.87
CA GLN A 55 -7.32 -40.18 -35.48
C GLN A 55 -8.45 -39.24 -35.11
N VAL A 56 -9.54 -39.26 -35.88
CA VAL A 56 -10.61 -38.29 -35.63
C VAL A 56 -11.34 -38.65 -34.34
N ASP A 57 -11.57 -39.93 -34.07
CA ASP A 57 -12.37 -40.23 -32.88
C ASP A 57 -11.53 -40.34 -31.62
N GLY A 58 -10.20 -40.37 -31.72
CA GLY A 58 -9.39 -40.28 -30.52
C GLY A 58 -9.65 -39.02 -29.74
N VAL A 59 -9.92 -37.92 -30.44
CA VAL A 59 -10.21 -36.66 -29.77
C VAL A 59 -11.53 -36.75 -29.01
N ILE A 60 -12.47 -37.56 -29.50
CA ILE A 60 -13.81 -37.59 -28.93
C ILE A 60 -13.76 -38.02 -27.47
N GLU A 61 -13.04 -39.10 -27.17
CA GLU A 61 -12.78 -39.43 -25.77
C GLU A 61 -11.55 -38.73 -25.22
N GLY A 62 -10.84 -37.96 -26.05
CA GLY A 62 -9.82 -37.09 -25.51
C GLY A 62 -10.38 -36.10 -24.52
N ALA A 63 -11.55 -35.56 -24.83
CA ALA A 63 -12.30 -34.72 -23.91
C ALA A 63 -13.38 -35.51 -23.17
N GLY A 64 -13.47 -36.81 -23.40
CA GLY A 64 -14.42 -37.64 -22.69
C GLY A 64 -15.84 -37.49 -23.19
N LEU A 65 -16.07 -37.85 -24.45
CA LEU A 65 -17.40 -37.79 -25.04
C LEU A 65 -17.65 -39.05 -25.86
N THR A 66 -18.93 -39.37 -26.03
CA THR A 66 -19.31 -40.52 -26.82
C THR A 66 -19.19 -40.22 -28.30
N THR A 67 -18.89 -41.27 -29.07
CA THR A 67 -18.71 -41.14 -30.52
C THR A 67 -20.08 -41.28 -31.21
N ASP A 68 -20.89 -40.23 -31.04
CA ASP A 68 -22.20 -40.20 -31.67
C ASP A 68 -22.05 -40.09 -33.18
N ASP A 69 -22.84 -40.86 -33.90
CA ASP A 69 -22.86 -40.86 -35.36
C ASP A 69 -23.96 -39.99 -35.92
N THR A 70 -24.65 -39.22 -35.09
CA THR A 70 -25.76 -38.40 -35.52
C THR A 70 -25.56 -36.92 -35.22
N ASP A 71 -24.74 -36.58 -34.21
CA ASP A 71 -24.54 -35.17 -33.86
C ASP A 71 -23.91 -34.40 -35.01
N LEU A 72 -22.94 -35.02 -35.69
CA LEU A 72 -22.20 -34.44 -36.82
C LEU A 72 -21.32 -33.27 -36.41
N ALA A 73 -21.32 -32.89 -35.14
CA ALA A 73 -20.43 -31.84 -34.64
C ALA A 73 -19.57 -32.28 -33.48
N ARG A 74 -20.13 -33.05 -32.55
CA ARG A 74 -19.44 -33.47 -31.34
C ARG A 74 -18.84 -32.27 -30.60
N LEU A 75 -19.66 -31.23 -30.45
CA LEU A 75 -19.25 -29.98 -29.81
C LEU A 75 -17.99 -29.43 -30.47
N TYR A 76 -18.05 -29.30 -31.79
CA TYR A 76 -16.91 -28.89 -32.60
C TYR A 76 -15.72 -29.79 -32.31
N LYS A 77 -15.97 -31.10 -32.28
CA LYS A 77 -15.00 -32.08 -31.81
C LYS A 77 -14.61 -31.84 -30.35
N ALA A 78 -15.55 -31.37 -29.54
CA ALA A 78 -15.35 -31.12 -28.12
C ALA A 78 -14.19 -30.17 -27.85
N ILE A 79 -13.72 -29.45 -28.85
CA ILE A 79 -12.56 -28.59 -28.67
C ILE A 79 -12.87 -27.46 -27.70
N GLN A 80 -14.14 -27.06 -27.60
CA GLN A 80 -14.50 -26.15 -26.53
C GLN A 80 -14.22 -26.78 -25.17
N SER A 81 -14.64 -28.01 -24.98
CA SER A 81 -14.40 -28.73 -23.75
C SER A 81 -12.94 -29.13 -23.58
N MET A 82 -12.13 -29.01 -24.63
CA MET A 82 -10.74 -29.38 -24.56
C MET A 82 -9.82 -28.18 -24.42
N THR A 83 -10.30 -26.98 -24.73
CA THR A 83 -9.58 -25.73 -24.51
C THR A 83 -10.27 -24.85 -23.48
N SER A 84 -11.54 -24.52 -23.68
CA SER A 84 -12.27 -23.72 -22.70
C SER A 84 -12.75 -24.59 -21.55
N GLY A 85 -13.34 -25.74 -21.85
CA GLY A 85 -13.71 -26.68 -20.82
C GLY A 85 -12.50 -27.45 -20.33
N ASN A 86 -12.74 -28.32 -19.35
CA ASN A 86 -11.72 -29.15 -18.73
C ASN A 86 -10.60 -28.33 -18.07
N LEU A 87 -10.77 -27.01 -17.97
CA LEU A 87 -9.75 -26.17 -17.35
C LEU A 87 -9.89 -26.32 -15.84
N ARG A 88 -9.35 -27.43 -15.33
CA ARG A 88 -9.44 -27.70 -13.91
C ARG A 88 -8.43 -26.85 -13.17
N THR A 89 -8.91 -26.11 -12.18
CA THR A 89 -8.07 -25.27 -11.34
C THR A 89 -8.04 -25.85 -9.94
N VAL A 90 -6.84 -26.01 -9.40
CA VAL A 90 -6.65 -26.60 -8.07
C VAL A 90 -5.96 -25.59 -7.18
N VAL A 91 -6.52 -25.37 -6.01
CA VAL A 91 -5.94 -24.50 -4.99
C VAL A 91 -5.45 -25.39 -3.86
N LEU A 92 -4.16 -25.28 -3.54
CA LEU A 92 -3.53 -26.10 -2.52
C LEU A 92 -3.15 -25.22 -1.34
N THR A 93 -3.58 -25.63 -0.14
CA THR A 93 -3.27 -24.93 1.09
C THR A 93 -2.69 -25.82 2.18
N ALA A 94 -2.67 -27.13 1.99
CA ALA A 94 -2.11 -28.03 3.00
C ALA A 94 -0.60 -27.83 3.11
N ALA A 95 -0.10 -27.97 4.34
CA ALA A 95 1.31 -27.69 4.60
C ALA A 95 2.23 -28.59 3.80
N SER A 96 1.81 -29.82 3.51
CA SER A 96 2.63 -30.74 2.73
C SER A 96 1.74 -31.84 2.19
N GLY A 97 1.82 -32.09 0.90
CA GLY A 97 1.02 -33.14 0.30
C GLY A 97 1.46 -33.38 -1.12
N ASN A 98 0.94 -34.46 -1.70
CA ASN A 98 1.26 -34.85 -3.06
C ASN A 98 0.09 -34.50 -3.97
N LEU A 99 0.35 -33.67 -4.96
CA LEU A 99 -0.69 -33.29 -5.92
C LEU A 99 -0.94 -34.46 -6.87
N PRO A 100 -2.14 -34.97 -6.96
CA PRO A 100 -2.42 -36.08 -7.89
C PRO A 100 -2.60 -35.55 -9.31
N ILE A 101 -1.62 -35.79 -10.15
CA ILE A 101 -1.66 -35.38 -11.56
C ILE A 101 -2.41 -36.45 -12.34
N PRO A 102 -3.47 -36.10 -13.06
CA PRO A 102 -4.18 -37.10 -13.86
C PRO A 102 -3.31 -37.66 -14.96
N SER A 103 -3.72 -38.82 -15.47
CA SER A 103 -2.92 -39.53 -16.47
C SER A 103 -2.76 -38.71 -17.74
N ASP A 104 -3.84 -38.09 -18.22
CA ASP A 104 -3.78 -37.35 -19.47
C ASP A 104 -2.97 -36.06 -19.36
N VAL A 105 -2.83 -35.52 -18.16
CA VAL A 105 -2.10 -34.27 -18.00
C VAL A 105 -0.61 -34.51 -18.21
N SER A 106 0.01 -33.63 -19.00
CA SER A 106 1.44 -33.70 -19.20
C SER A 106 2.06 -32.32 -19.04
N VAL A 107 1.25 -31.27 -19.09
CA VAL A 107 1.75 -29.91 -19.02
C VAL A 107 0.87 -29.06 -18.12
N LEU A 108 1.43 -28.61 -17.00
CA LEU A 108 0.75 -27.62 -16.19
C LEU A 108 1.02 -26.22 -16.75
N ASN A 109 -0.01 -25.39 -16.74
CA ASN A 109 0.14 -24.01 -17.19
C ASN A 109 -0.37 -23.07 -16.10
N TRP A 110 0.36 -21.97 -15.91
CA TRP A 110 0.04 -20.96 -14.92
C TRP A 110 0.01 -21.56 -13.50
N VAL A 111 1.16 -22.02 -13.06
CA VAL A 111 1.37 -22.40 -11.67
C VAL A 111 1.79 -21.16 -10.92
N ARG A 112 0.91 -20.65 -10.05
CA ARG A 112 1.19 -19.46 -9.27
C ARG A 112 1.25 -19.82 -7.80
N ALA A 113 2.32 -19.40 -7.13
CA ALA A 113 2.52 -19.70 -5.73
C ALA A 113 2.88 -18.44 -4.97
N VAL A 114 2.51 -18.40 -3.71
CA VAL A 114 2.82 -17.29 -2.81
C VAL A 114 3.32 -17.86 -1.49
N GLY A 115 4.42 -17.32 -0.99
CA GLY A 115 4.93 -17.75 0.29
C GLY A 115 4.13 -17.18 1.44
N GLY A 116 4.37 -17.74 2.62
CA GLY A 116 3.67 -17.28 3.80
C GLY A 116 4.12 -15.91 4.23
N GLY A 117 3.31 -15.29 5.08
CA GLY A 117 3.60 -13.97 5.59
C GLY A 117 4.09 -14.03 7.03
N GLY A 118 4.81 -12.99 7.44
CA GLY A 118 5.36 -12.92 8.78
C GLY A 118 4.55 -11.99 9.67
N ALA A 119 4.35 -12.40 10.91
CA ALA A 119 3.62 -11.59 11.86
C ALA A 119 4.46 -10.41 12.30
N GLY A 120 3.78 -9.40 12.83
CA GLY A 120 4.47 -8.22 13.32
C GLY A 120 4.97 -8.38 14.73
N GLY A 121 5.81 -7.44 15.15
CA GLY A 121 6.34 -7.47 16.49
C GLY A 121 5.38 -6.90 17.51
N ASN A 122 5.59 -7.29 18.77
CA ASN A 122 4.75 -6.80 19.85
C ASN A 122 5.19 -5.38 20.24
N SER A 123 4.36 -4.75 21.07
CA SER A 123 4.63 -3.41 21.56
C SER A 123 4.56 -3.40 23.08
N ASN A 124 5.53 -2.73 23.71
CA ASN A 124 5.52 -2.60 25.15
C ASN A 124 4.71 -1.37 25.54
N THR A 125 4.53 -1.17 26.84
CA THR A 125 3.73 -0.05 27.33
C THR A 125 4.59 1.20 27.52
N GLY A 126 5.28 1.59 26.45
CA GLY A 126 6.09 2.79 26.48
C GLY A 126 5.51 3.86 25.58
N ASN A 127 6.26 4.28 24.57
CA ASN A 127 5.75 5.18 23.55
C ASN A 127 6.13 4.79 22.13
N SER A 128 7.17 4.01 21.91
CA SER A 128 7.64 3.70 20.58
C SER A 128 6.75 2.65 19.90
N LYS A 129 6.97 2.48 18.61
CA LYS A 129 6.12 1.66 17.75
C LYS A 129 6.85 0.40 17.31
N ALA A 130 6.11 -0.69 17.19
CA ALA A 130 6.65 -1.93 16.67
C ALA A 130 6.69 -1.89 15.14
N SER A 131 7.48 -2.80 14.57
CA SER A 131 7.65 -2.89 13.13
C SER A 131 6.85 -4.06 12.60
N GLY A 132 6.04 -3.79 11.57
CA GLY A 132 5.21 -4.84 11.00
C GLY A 132 6.03 -5.89 10.29
N GLY A 133 5.51 -7.11 10.28
CA GLY A 133 6.20 -8.20 9.62
C GLY A 133 6.20 -8.05 8.11
N GLY A 134 7.20 -8.68 7.48
CA GLY A 134 7.33 -8.58 6.05
C GLY A 134 6.42 -9.57 5.33
N GLY A 135 5.85 -9.11 4.22
CA GLY A 135 4.99 -9.97 3.44
C GLY A 135 5.76 -11.02 2.68
N GLY A 136 5.08 -12.09 2.33
CA GLY A 136 5.71 -13.17 1.61
C GLY A 136 5.85 -12.87 0.13
N ALA A 137 6.86 -13.48 -0.48
CA ALA A 137 7.08 -13.29 -1.90
C ALA A 137 6.16 -14.21 -2.68
N GLY A 138 6.35 -14.23 -4.00
CA GLY A 138 5.54 -15.11 -4.83
C GLY A 138 6.14 -15.21 -6.21
N PHE A 139 5.59 -16.13 -6.99
CA PHE A 139 6.04 -16.31 -8.36
C PHE A 139 4.91 -16.94 -9.15
N ASP A 140 5.05 -16.91 -10.46
CA ASP A 140 4.18 -17.72 -11.30
C ASP A 140 4.88 -18.12 -12.59
N ARG A 141 4.70 -19.37 -12.97
CA ARG A 141 5.32 -19.96 -14.14
C ARG A 141 4.25 -20.42 -15.11
N PHE A 142 4.65 -20.61 -16.36
CA PHE A 142 3.75 -21.03 -17.41
C PHE A 142 4.37 -22.19 -18.16
N ASN A 143 3.52 -23.09 -18.65
CA ASN A 143 3.95 -24.19 -19.51
C ASN A 143 5.01 -25.06 -18.83
N VAL A 144 4.83 -25.31 -17.54
CA VAL A 144 5.75 -26.18 -16.82
C VAL A 144 5.38 -27.63 -17.06
N ALA A 145 6.38 -28.46 -17.31
CA ALA A 145 6.17 -29.84 -17.71
C ALA A 145 6.12 -30.76 -16.49
N VAL A 146 5.14 -31.64 -16.46
CA VAL A 146 4.95 -32.58 -15.36
C VAL A 146 4.61 -33.95 -15.94
N THR A 147 5.30 -34.98 -15.47
CA THR A 147 5.01 -36.32 -15.92
C THR A 147 3.70 -36.81 -15.31
N PRO A 148 2.92 -37.61 -16.05
CA PRO A 148 1.71 -38.20 -15.47
C PRO A 148 2.05 -39.10 -14.30
N GLY A 149 1.15 -39.12 -13.31
CA GLY A 149 1.36 -39.84 -12.07
C GLY A 149 1.28 -38.90 -10.88
N SER A 150 2.11 -39.18 -9.87
CA SER A 150 2.18 -38.30 -8.70
C SER A 150 3.03 -37.08 -9.03
N ASN A 151 2.85 -36.04 -8.23
CA ASN A 151 3.56 -34.78 -8.41
C ASN A 151 4.62 -34.61 -7.34
N VAL A 152 5.58 -33.75 -7.64
CA VAL A 152 6.50 -33.29 -6.60
C VAL A 152 5.68 -32.68 -5.47
N PRO A 153 5.91 -33.07 -4.22
CA PRO A 153 5.06 -32.60 -3.13
C PRO A 153 5.15 -31.11 -2.92
N TYR A 154 4.05 -30.42 -3.18
CA TYR A 154 3.94 -29.02 -2.82
C TYR A 154 3.99 -28.86 -1.30
N THR A 155 4.63 -27.78 -0.85
CA THR A 155 4.61 -27.41 0.56
C THR A 155 4.35 -25.91 0.63
N VAL A 156 3.24 -25.53 1.23
CA VAL A 156 2.93 -24.12 1.39
C VAL A 156 3.41 -23.66 2.76
N GLY A 157 3.72 -22.37 2.86
CA GLY A 157 4.29 -21.84 4.09
C GLY A 157 3.24 -21.43 5.10
N ALA A 158 3.31 -21.99 6.30
CA ALA A 158 2.38 -21.62 7.35
C ALA A 158 2.60 -20.16 7.76
N ALA A 159 1.50 -19.51 8.14
CA ALA A 159 1.58 -18.12 8.56
C ALA A 159 2.41 -17.99 9.82
N GLY A 160 3.15 -16.88 9.93
CA GLY A 160 3.96 -16.64 11.10
C GLY A 160 3.10 -16.38 12.31
N ALA A 161 3.17 -17.26 13.30
CA ALA A 161 2.39 -17.08 14.52
C ALA A 161 2.91 -15.88 15.31
N VAL A 162 1.99 -15.21 16.00
CA VAL A 162 2.35 -14.04 16.79
C VAL A 162 3.11 -14.48 18.04
N ASN A 163 4.28 -13.88 18.26
CA ASN A 163 5.03 -14.09 19.50
C ASN A 163 4.51 -13.16 20.58
N GLY A 164 3.20 -13.23 20.82
CA GLY A 164 2.54 -12.30 21.71
C GLY A 164 2.56 -12.71 23.16
N LEU A 165 3.40 -13.69 23.50
CA LEU A 165 3.50 -14.12 24.88
C LEU A 165 4.14 -13.05 25.77
N GLY A 166 4.72 -12.02 25.19
CA GLY A 166 5.29 -10.95 25.99
C GLY A 166 5.50 -9.71 25.15
N ALA A 167 5.76 -8.60 25.83
CA ALA A 167 5.98 -7.32 25.17
C ALA A 167 7.40 -7.25 24.60
N GLY A 168 7.53 -6.54 23.49
CA GLY A 168 8.84 -6.31 22.92
C GLY A 168 9.48 -7.52 22.26
N TYR A 169 8.69 -8.55 21.96
CA TYR A 169 9.21 -9.73 21.29
C TYR A 169 8.87 -9.68 19.81
N ASN A 170 9.85 -9.98 18.98
CA ASN A 170 9.64 -10.02 17.54
C ASN A 170 8.76 -11.19 17.14
N GLY A 171 7.89 -10.96 16.16
CA GLY A 171 7.00 -12.00 15.71
C GLY A 171 7.70 -13.04 14.86
N GLY A 172 7.03 -14.17 14.70
CA GLY A 172 7.58 -15.24 13.90
C GLY A 172 7.59 -14.90 12.41
N ALA A 173 8.38 -15.66 11.67
CA ALA A 173 8.50 -15.49 10.24
C ALA A 173 7.75 -16.60 9.51
N GLY A 174 6.99 -16.21 8.49
CA GLY A 174 6.19 -17.18 7.77
C GLY A 174 7.04 -18.15 6.97
N GLY A 175 6.47 -19.32 6.72
CA GLY A 175 7.17 -20.34 5.98
C GLY A 175 7.24 -20.05 4.50
N SER A 176 8.09 -20.81 3.83
CA SER A 176 8.28 -20.68 2.39
C SER A 176 7.42 -21.68 1.64
N THR A 177 7.06 -21.32 0.41
CA THR A 177 6.20 -22.15 -0.43
C THR A 177 7.04 -22.70 -1.57
N ALA A 178 7.13 -24.03 -1.65
CA ALA A 178 8.00 -24.68 -2.62
C ALA A 178 7.21 -25.62 -3.50
N ILE A 179 7.48 -25.58 -4.80
CA ILE A 179 6.88 -26.52 -5.73
C ILE A 179 7.71 -26.59 -7.01
N LEU A 180 7.95 -27.80 -7.49
CA LEU A 180 8.61 -28.02 -8.77
C LEU A 180 9.96 -27.31 -8.85
N GLY A 181 10.69 -27.31 -7.75
CA GLY A 181 12.00 -26.72 -7.72
C GLY A 181 12.04 -25.21 -7.59
N THR A 182 10.90 -24.56 -7.45
CA THR A 182 10.84 -23.11 -7.28
C THR A 182 10.25 -22.79 -5.91
N THR A 183 10.91 -21.88 -5.18
CA THR A 183 10.48 -21.53 -3.84
C THR A 183 10.24 -20.04 -3.75
N ALA A 184 9.09 -19.67 -3.21
CA ALA A 184 8.81 -18.31 -2.80
C ALA A 184 9.00 -18.26 -1.29
N GLY A 185 10.09 -17.64 -0.86
CA GLY A 185 10.39 -17.60 0.56
C GLY A 185 9.39 -16.76 1.32
N GLY A 186 9.09 -17.19 2.54
CA GLY A 186 8.19 -16.45 3.38
C GLY A 186 8.82 -15.17 3.89
N GLY A 187 7.97 -14.16 4.09
CA GLY A 187 8.46 -12.90 4.61
C GLY A 187 8.95 -13.04 6.04
N ALA A 188 10.00 -12.30 6.37
CA ALA A 188 10.55 -12.34 7.71
C ALA A 188 9.57 -11.69 8.69
N GLY A 189 9.67 -12.08 9.95
CA GLY A 189 8.78 -11.58 10.97
C GLY A 189 9.12 -10.15 11.35
N GLY A 190 8.27 -9.59 12.21
CA GLY A 190 8.47 -8.26 12.69
C GLY A 190 9.61 -8.20 13.70
N LEU A 191 9.72 -7.04 14.34
CA LEU A 191 10.73 -6.83 15.37
C LEU A 191 10.08 -6.29 16.63
N GLY A 192 10.47 -6.89 17.77
CA GLY A 192 10.00 -6.37 19.04
C GLY A 192 10.54 -4.98 19.31
N VAL A 193 9.81 -4.23 20.11
CA VAL A 193 10.13 -2.82 20.35
C VAL A 193 10.17 -2.57 21.84
N ASN A 194 11.16 -1.78 22.27
CA ASN A 194 11.26 -1.31 23.63
C ASN A 194 10.78 0.13 23.70
N ASN A 195 10.96 0.76 24.86
CA ASN A 195 10.54 2.14 25.03
C ASN A 195 11.38 3.08 24.17
N ASN A 196 10.74 4.14 23.69
CA ASN A 196 11.33 5.24 22.92
C ASN A 196 12.44 4.83 21.96
N ALA A 197 12.22 3.72 21.23
CA ALA A 197 13.14 3.31 20.18
C ALA A 197 12.34 2.46 19.19
N THR A 198 11.93 3.08 18.09
CA THR A 198 11.17 2.36 17.08
C THR A 198 12.07 1.35 16.37
N ALA A 199 11.48 0.22 16.00
CA ALA A 199 12.25 -0.88 15.44
C ALA A 199 12.73 -0.55 14.03
N VAL A 200 13.35 -1.54 13.39
CA VAL A 200 13.91 -1.40 12.06
C VAL A 200 13.12 -2.27 11.11
N GLN A 201 13.05 -1.85 9.84
CA GLN A 201 12.31 -2.60 8.85
C GLN A 201 12.93 -3.98 8.63
N VAL A 202 12.11 -4.91 8.17
CA VAL A 202 12.53 -6.28 7.94
C VAL A 202 12.32 -6.63 6.47
N ASN A 203 13.20 -7.48 5.96
CA ASN A 203 13.15 -7.87 4.56
C ASN A 203 11.90 -8.71 4.28
N GLY A 204 11.37 -8.55 3.08
CA GLY A 204 10.30 -9.39 2.60
C GLY A 204 10.83 -10.71 2.06
N GLY A 205 9.93 -11.44 1.41
CA GLY A 205 10.30 -12.71 0.85
C GLY A 205 11.11 -12.55 -0.43
N THR A 206 11.67 -13.68 -0.87
CA THR A 206 12.42 -13.72 -2.13
C THR A 206 12.00 -14.92 -2.96
N THR A 207 12.72 -15.19 -4.04
CA THR A 207 12.44 -16.32 -4.90
C THR A 207 13.73 -17.06 -5.19
N SER A 208 13.68 -18.38 -5.13
CA SER A 208 14.88 -19.18 -5.36
C SER A 208 14.56 -20.47 -6.11
N GLY A 209 15.60 -21.18 -6.53
CA GLY A 209 15.42 -22.36 -7.34
C GLY A 209 15.44 -22.03 -8.82
N THR A 210 14.75 -22.86 -9.61
CA THR A 210 14.60 -22.56 -11.02
C THR A 210 13.88 -21.23 -11.18
N THR A 211 14.44 -20.35 -12.00
CA THR A 211 13.96 -18.98 -12.05
C THR A 211 12.59 -18.94 -12.70
N PRO A 212 11.56 -18.49 -12.01
CA PRO A 212 10.27 -18.26 -12.67
C PRO A 212 10.39 -17.09 -13.62
N GLU A 213 9.63 -17.15 -14.71
CA GLU A 213 9.69 -16.07 -15.67
C GLU A 213 8.94 -14.83 -15.20
N ILE A 214 8.11 -14.94 -14.17
CA ILE A 214 7.61 -13.76 -13.45
C ILE A 214 7.68 -14.05 -11.95
N SER A 215 8.30 -13.13 -11.21
CA SER A 215 8.47 -13.27 -9.77
C SER A 215 8.11 -11.95 -9.10
N TYR A 216 7.36 -12.03 -8.01
CA TYR A 216 6.87 -10.87 -7.28
C TYR A 216 7.52 -10.87 -5.90
N PRO A 217 8.58 -10.11 -5.69
CA PRO A 217 9.16 -10.04 -4.35
C PRO A 217 8.17 -9.47 -3.36
N GLY A 218 8.15 -10.05 -2.17
CA GLY A 218 7.16 -9.65 -1.18
C GLY A 218 7.44 -8.27 -0.63
N GLY A 219 6.37 -7.58 -0.26
CA GLY A 219 6.49 -6.28 0.36
C GLY A 219 7.20 -6.37 1.70
N LEU A 220 8.29 -5.61 1.85
CA LEU A 220 9.06 -5.67 3.08
C LEU A 220 8.31 -4.97 4.20
N GLY A 221 8.40 -5.53 5.40
CA GLY A 221 7.81 -4.90 6.56
C GLY A 221 8.51 -3.58 6.87
N THR A 222 7.73 -2.64 7.39
CA THR A 222 8.21 -1.28 7.55
C THR A 222 8.90 -1.08 8.90
N GLU A 223 9.59 0.05 9.01
CA GLU A 223 10.40 0.31 10.20
C GLU A 223 9.56 0.49 11.45
N GLY A 224 8.33 0.98 11.33
CA GLY A 224 7.45 0.96 12.48
C GLY A 224 6.56 2.17 12.74
N ILE A 225 7.01 3.37 12.40
CA ILE A 225 6.16 4.54 12.61
C ILE A 225 4.90 4.42 11.75
N VAL A 226 5.07 4.11 10.47
CA VAL A 226 3.93 3.65 9.69
C VAL A 226 3.50 2.26 10.12
N GLY A 227 4.47 1.36 10.32
CA GLY A 227 4.21 0.07 10.91
C GLY A 227 3.48 -0.92 10.03
N THR A 228 3.06 -0.54 8.83
CA THR A 228 2.20 -1.40 8.04
C THR A 228 2.93 -2.67 7.61
N GLY A 229 2.21 -3.79 7.63
CA GLY A 229 2.78 -5.03 7.16
C GLY A 229 2.85 -5.08 5.65
N GLY A 230 3.87 -5.79 5.15
CA GLY A 230 4.07 -5.87 3.72
C GLY A 230 2.99 -6.68 3.03
N GLY A 231 2.75 -6.34 1.77
CA GLY A 231 1.79 -7.05 0.95
C GLY A 231 2.44 -8.13 0.12
N SER A 232 1.61 -8.83 -0.65
CA SER A 232 2.08 -9.91 -1.49
C SER A 232 1.36 -9.91 -2.83
N VAL A 233 1.47 -11.00 -3.57
CA VAL A 233 0.79 -11.10 -4.86
C VAL A 233 -0.71 -10.93 -4.69
N LEU A 234 -1.30 -11.70 -3.77
CA LEU A 234 -2.74 -11.73 -3.58
C LEU A 234 -3.19 -10.89 -2.39
N SER A 235 -2.27 -10.27 -1.67
CA SER A 235 -2.61 -9.46 -0.51
C SER A 235 -2.22 -8.02 -0.76
N GLN A 236 -2.54 -7.17 0.20
CA GLN A 236 -2.23 -5.76 0.13
C GLN A 236 -1.62 -5.31 1.45
N PRO A 237 -0.83 -4.25 1.43
CA PRO A 237 -0.23 -3.77 2.68
C PRO A 237 -1.29 -3.34 3.67
N THR A 238 -1.42 -4.09 4.77
CA THR A 238 -2.38 -3.76 5.81
C THR A 238 -1.72 -2.89 6.87
N GLN A 239 -2.49 -1.95 7.40
CA GLN A 239 -1.97 -0.98 8.36
C GLN A 239 -2.28 -1.42 9.79
N ARG A 240 -1.58 -0.81 10.73
CA ARG A 240 -1.86 -1.05 12.13
C ARG A 240 -3.13 -0.34 12.55
N ALA A 241 -3.80 -0.91 13.55
CA ALA A 241 -5.04 -0.35 14.08
C ALA A 241 -4.79 0.17 15.48
N PHE A 242 -5.09 1.45 15.71
CA PHE A 242 -4.95 2.04 17.03
C PHE A 242 -6.09 1.56 17.92
N THR A 243 -5.76 0.74 18.91
CA THR A 243 -6.73 0.30 19.88
C THR A 243 -6.02 0.00 21.19
N ASN A 244 -6.80 0.01 22.28
CA ASN A 244 -6.30 -0.33 23.60
C ASN A 244 -6.72 -1.74 24.01
N ALA A 245 -7.30 -2.51 23.11
CA ALA A 245 -7.74 -3.86 23.40
C ALA A 245 -6.99 -4.92 22.60
N GLY A 246 -6.04 -4.53 21.76
CA GLY A 246 -5.31 -5.49 20.96
C GLY A 246 -6.17 -6.24 19.97
N ASN A 247 -7.01 -5.51 19.21
CA ASN A 247 -7.87 -6.14 18.23
C ASN A 247 -7.07 -6.92 17.20
N ASN A 248 -5.88 -6.42 16.84
CA ASN A 248 -4.91 -7.17 16.05
C ASN A 248 -5.47 -7.55 14.68
N ASN A 249 -5.75 -6.54 13.88
CA ASN A 249 -6.24 -6.79 12.53
C ASN A 249 -5.18 -7.53 11.72
N PRO A 250 -5.49 -8.72 11.21
CA PRO A 250 -4.49 -9.51 10.48
C PRO A 250 -4.39 -9.02 9.04
N ALA A 251 -3.47 -9.64 8.29
CA ALA A 251 -3.34 -9.34 6.88
C ALA A 251 -4.59 -9.77 6.14
N ASN A 252 -4.90 -9.04 5.06
CA ASN A 252 -6.18 -9.23 4.39
C ASN A 252 -6.30 -10.61 3.78
N SER A 253 -5.30 -11.04 3.01
CA SER A 253 -5.39 -12.31 2.30
C SER A 253 -4.02 -12.99 2.33
N TRP A 254 -3.89 -14.02 1.50
CA TRP A 254 -2.72 -14.88 1.55
C TRP A 254 -1.44 -14.11 1.26
N GLY A 255 -0.36 -14.49 1.95
CA GLY A 255 0.92 -13.89 1.73
C GLY A 255 1.15 -12.57 2.42
N GLY A 256 0.12 -11.99 3.03
CA GLY A 256 0.28 -10.72 3.69
C GLY A 256 1.02 -10.84 4.99
N GLY A 257 1.59 -9.73 5.43
CA GLY A 257 2.33 -9.66 6.67
C GLY A 257 1.54 -8.90 7.73
N GLY A 258 1.74 -9.28 8.99
CA GLY A 258 1.08 -8.63 10.08
C GLY A 258 1.49 -7.18 10.20
N PRO A 259 0.55 -6.33 10.58
CA PRO A 259 0.82 -4.89 10.67
C PRO A 259 1.58 -4.45 11.90
N GLY A 260 2.12 -5.38 12.69
CA GLY A 260 2.94 -5.00 13.83
C GLY A 260 2.15 -4.40 14.98
N GLY A 261 2.67 -4.55 16.19
CA GLY A 261 1.99 -4.05 17.37
C GLY A 261 2.07 -2.54 17.46
N SER A 262 1.26 -2.00 18.37
CA SER A 262 1.21 -0.56 18.60
C SER A 262 0.95 -0.30 20.07
N ASP A 263 1.25 0.92 20.49
CA ASP A 263 1.14 1.31 21.89
C ASP A 263 0.77 2.77 21.98
N PHE A 264 -0.43 3.05 22.50
CA PHE A 264 -0.84 4.41 22.84
C PHE A 264 -1.73 4.34 24.06
N GLY A 265 -1.47 5.21 25.03
CA GLY A 265 -2.23 5.19 26.27
C GLY A 265 -2.08 3.90 27.05
N GLY A 266 -0.87 3.37 27.11
CA GLY A 266 -0.65 2.13 27.85
C GLY A 266 -1.18 0.89 27.17
N ALA A 267 -1.44 0.96 25.86
CA ALA A 267 -1.96 -0.19 25.13
C ALA A 267 -0.88 -1.25 24.97
N TRP A 268 -1.30 -2.47 24.72
CA TRP A 268 -0.42 -3.62 24.56
C TRP A 268 -0.82 -4.44 23.34
N GLN A 269 -1.01 -3.78 22.21
CA GLN A 269 -1.37 -4.50 21.01
C GLN A 269 -0.18 -5.31 20.53
N PRO A 270 -0.29 -6.63 20.41
CA PRO A 270 0.86 -7.43 19.98
C PRO A 270 1.13 -7.39 18.49
N GLY A 271 0.16 -7.08 17.67
CA GLY A 271 0.40 -7.05 16.24
C GLY A 271 -0.29 -8.20 15.54
N GLY A 272 -0.80 -7.93 14.35
CA GLY A 272 -1.60 -8.90 13.64
C GLY A 272 -0.78 -10.09 13.18
N VAL A 273 -1.47 -11.20 13.00
CA VAL A 273 -0.85 -12.43 12.52
C VAL A 273 -0.79 -12.37 11.00
N GLY A 274 0.20 -13.04 10.43
CA GLY A 274 0.29 -13.16 8.99
C GLY A 274 -0.69 -14.17 8.44
N LYS A 275 -0.67 -14.32 7.13
CA LYS A 275 -1.53 -15.26 6.44
C LYS A 275 -0.68 -16.26 5.68
N GLN A 276 -1.12 -17.51 5.66
CA GLN A 276 -0.36 -18.54 4.96
C GLN A 276 -0.46 -18.37 3.46
N GLY A 277 0.47 -18.98 2.75
CA GLY A 277 0.47 -18.91 1.30
C GLY A 277 -0.27 -20.06 0.67
N ILE A 278 -0.64 -19.89 -0.60
CA ILE A 278 -1.40 -20.87 -1.34
C ILE A 278 -0.69 -21.14 -2.66
N ILE A 279 -1.05 -22.26 -3.27
CA ILE A 279 -0.56 -22.63 -4.59
C ILE A 279 -1.75 -22.79 -5.52
N ILE A 280 -1.69 -22.14 -6.67
CA ILE A 280 -2.78 -22.18 -7.64
C ILE A 280 -2.23 -22.82 -8.91
N VAL A 281 -2.86 -23.90 -9.36
CA VAL A 281 -2.43 -24.55 -10.58
C VAL A 281 -3.63 -24.75 -11.49
N GLN A 282 -3.37 -24.82 -12.79
CA GLN A 282 -4.41 -25.04 -13.78
C GLN A 282 -3.93 -26.08 -14.77
N TYR A 283 -4.85 -26.90 -15.25
CA TYR A 283 -4.49 -27.86 -16.29
C TYR A 283 -5.74 -28.35 -17.01
N PHE A 284 -5.54 -28.86 -18.22
CA PHE A 284 -6.62 -29.39 -19.02
C PHE A 284 -6.67 -30.90 -18.84
N SER A 285 -7.83 -31.40 -18.41
CA SER A 285 -7.99 -32.84 -18.22
C SER A 285 -9.48 -33.16 -18.19
N ARG A 286 -9.85 -34.27 -18.84
CA ARG A 286 -11.24 -34.71 -18.80
C ARG A 286 -11.62 -35.25 -17.43
N PHE A 287 -10.64 -35.58 -16.59
CA PHE A 287 -10.95 -36.09 -15.27
C PHE A 287 -11.30 -34.96 -14.32
N ALA A 288 -11.97 -35.32 -13.23
CA ALA A 288 -12.31 -34.36 -12.21
C ALA A 288 -11.06 -33.87 -11.49
N PRO A 289 -11.04 -32.62 -11.04
CA PRO A 289 -9.87 -32.08 -10.32
C PRO A 289 -9.64 -32.77 -8.98
N LEU B 40 -21.01 -41.63 -57.62
CA LEU B 40 -19.66 -41.32 -57.14
C LEU B 40 -18.61 -41.63 -58.20
N ASP B 41 -17.88 -40.60 -58.62
CA ASP B 41 -16.84 -40.79 -59.62
C ASP B 41 -15.66 -41.56 -59.04
N VAL B 42 -14.94 -42.24 -59.93
CA VAL B 42 -13.79 -43.03 -59.51
C VAL B 42 -12.69 -42.10 -58.96
N GLU B 43 -12.56 -40.92 -59.53
CA GLU B 43 -11.57 -39.95 -59.07
C GLU B 43 -12.09 -39.03 -57.98
N LEU B 44 -13.41 -38.85 -57.89
CA LEU B 44 -13.96 -37.93 -56.90
C LEU B 44 -13.71 -38.41 -55.49
N ASP B 45 -13.97 -39.69 -55.21
CA ASP B 45 -13.71 -40.22 -53.88
C ASP B 45 -12.22 -40.25 -53.57
N ASN B 46 -11.39 -40.51 -54.57
CA ASN B 46 -9.95 -40.46 -54.37
C ASN B 46 -9.50 -39.06 -53.97
N TRP B 47 -10.02 -38.05 -54.66
CA TRP B 47 -9.70 -36.67 -54.31
C TRP B 47 -10.22 -36.33 -52.91
N LEU B 48 -11.41 -36.82 -52.57
CA LEU B 48 -11.97 -36.55 -51.25
C LEU B 48 -11.10 -37.15 -50.16
N MET B 49 -10.68 -38.40 -50.32
CA MET B 49 -9.85 -39.02 -49.29
C MET B 49 -8.47 -38.38 -49.24
N TRP B 50 -7.94 -37.95 -50.39
CA TRP B 50 -6.68 -37.21 -50.37
C TRP B 50 -6.82 -35.90 -49.60
N TRP B 51 -7.94 -35.19 -49.82
CA TRP B 51 -8.16 -33.95 -49.09
C TRP B 51 -8.26 -34.23 -47.59
N LEU B 52 -8.98 -35.28 -47.22
CA LEU B 52 -9.11 -35.62 -45.79
C LEU B 52 -7.75 -35.95 -45.18
N THR B 53 -6.94 -36.74 -45.88
CA THR B 53 -5.67 -37.15 -45.32
C THR B 53 -4.65 -36.02 -45.31
N GLY B 54 -4.79 -35.04 -46.22
CA GLY B 54 -3.96 -33.86 -46.14
C GLY B 54 -4.45 -32.84 -45.14
N GLN B 55 -5.74 -32.86 -44.82
CA GLN B 55 -6.26 -31.99 -43.77
C GLN B 55 -5.83 -32.50 -42.40
N VAL B 56 -5.96 -33.81 -42.17
CA VAL B 56 -5.77 -34.34 -40.83
C VAL B 56 -4.35 -34.14 -40.35
N ASP B 57 -3.36 -34.40 -41.21
CA ASP B 57 -1.97 -34.35 -40.76
C ASP B 57 -1.45 -32.93 -40.62
N GLY B 58 -2.03 -31.96 -41.35
CA GLY B 58 -1.54 -30.60 -41.26
C GLY B 58 -1.52 -30.08 -39.83
N VAL B 59 -2.42 -30.58 -38.99
CA VAL B 59 -2.36 -30.25 -37.58
C VAL B 59 -1.14 -30.90 -36.93
N ILE B 60 -0.77 -32.11 -37.36
CA ILE B 60 0.29 -32.86 -36.69
C ILE B 60 1.60 -32.09 -36.74
N GLU B 61 2.01 -31.64 -37.93
CA GLU B 61 3.15 -30.74 -38.00
C GLU B 61 2.77 -29.30 -37.76
N GLY B 62 1.47 -29.01 -37.63
CA GLY B 62 1.07 -27.68 -37.20
C GLY B 62 1.61 -27.33 -35.83
N ALA B 63 1.66 -28.31 -34.94
CA ALA B 63 2.30 -28.17 -33.64
C ALA B 63 3.67 -28.82 -33.60
N GLY B 64 4.17 -29.30 -34.73
CA GLY B 64 5.51 -29.87 -34.78
C GLY B 64 5.59 -31.26 -34.22
N LEU B 65 4.90 -32.21 -34.84
CA LEU B 65 4.95 -33.60 -34.44
C LEU B 65 5.09 -34.49 -35.66
N THR B 66 5.68 -35.66 -35.46
CA THR B 66 5.85 -36.62 -36.55
C THR B 66 4.52 -37.27 -36.88
N THR B 67 4.31 -37.56 -38.17
CA THR B 67 3.07 -38.16 -38.64
C THR B 67 3.15 -39.68 -38.49
N ASP B 68 3.16 -40.12 -37.23
CA ASP B 68 3.18 -41.54 -36.94
C ASP B 68 1.87 -42.19 -37.33
N ASP B 69 1.96 -43.40 -37.89
CA ASP B 69 0.79 -44.16 -38.30
C ASP B 69 0.54 -45.36 -37.40
N THR B 70 1.08 -45.34 -36.18
CA THR B 70 0.93 -46.47 -35.27
C THR B 70 0.41 -45.99 -33.92
N ASP B 71 0.74 -44.75 -33.56
CA ASP B 71 0.31 -44.23 -32.26
C ASP B 71 -1.20 -44.16 -32.15
N LEU B 72 -1.88 -43.79 -33.24
CA LEU B 72 -3.32 -43.68 -33.36
C LEU B 72 -3.90 -42.54 -32.54
N ALA B 73 -3.09 -41.84 -31.74
CA ALA B 73 -3.56 -40.68 -30.99
C ALA B 73 -2.83 -39.41 -31.40
N ARG B 74 -1.51 -39.42 -31.36
CA ARG B 74 -0.69 -38.27 -31.75
C ARG B 74 -1.07 -37.02 -30.97
N LEU B 75 -1.01 -37.12 -29.63
CA LEU B 75 -1.35 -36.01 -28.74
C LEU B 75 -2.77 -35.51 -29.00
N TYR B 76 -3.65 -36.46 -29.32
CA TYR B 76 -5.05 -36.16 -29.62
C TYR B 76 -5.13 -35.14 -30.74
N LYS B 77 -4.35 -35.39 -31.80
CA LYS B 77 -4.17 -34.44 -32.89
C LYS B 77 -3.49 -33.16 -32.42
N ALA B 78 -2.34 -33.34 -31.77
CA ALA B 78 -1.44 -32.25 -31.35
C ALA B 78 -2.16 -31.21 -30.51
N ILE B 79 -3.29 -31.59 -29.95
CA ILE B 79 -4.14 -30.60 -29.31
C ILE B 79 -3.60 -30.24 -27.92
N GLN B 80 -3.23 -31.26 -27.14
CA GLN B 80 -2.53 -30.98 -25.89
C GLN B 80 -1.28 -30.16 -26.14
N SER B 81 -0.63 -30.37 -27.28
CA SER B 81 0.63 -29.68 -27.56
C SER B 81 0.41 -28.23 -27.95
N MET B 82 -0.65 -27.91 -28.69
CA MET B 82 -0.83 -26.54 -29.15
C MET B 82 -2.00 -25.83 -28.48
N THR B 83 -2.50 -26.38 -27.36
CA THR B 83 -3.41 -25.65 -26.49
C THR B 83 -2.83 -25.48 -25.10
N SER B 84 -2.38 -26.56 -24.47
CA SER B 84 -1.71 -26.45 -23.18
C SER B 84 -0.24 -26.12 -23.36
N GLY B 85 0.47 -26.93 -24.15
CA GLY B 85 1.85 -26.65 -24.48
C GLY B 85 1.95 -25.54 -25.50
N ASN B 86 3.16 -25.33 -25.97
CA ASN B 86 3.47 -24.31 -26.97
C ASN B 86 3.16 -22.90 -26.49
N LEU B 87 2.76 -22.74 -25.23
CA LEU B 87 2.42 -21.42 -24.69
C LEU B 87 3.74 -20.73 -24.35
N ARG B 88 4.38 -20.20 -25.38
CA ARG B 88 5.66 -19.54 -25.19
C ARG B 88 5.42 -18.15 -24.60
N THR B 89 6.06 -17.89 -23.46
CA THR B 89 5.98 -16.61 -22.77
C THR B 89 7.31 -15.91 -22.88
N VAL B 90 7.28 -14.65 -23.30
CA VAL B 90 8.49 -13.86 -23.50
C VAL B 90 8.42 -12.64 -22.60
N VAL B 91 9.50 -12.41 -21.85
CA VAL B 91 9.64 -11.24 -20.99
C VAL B 91 10.71 -10.35 -21.60
N LEU B 92 10.33 -9.11 -21.89
CA LEU B 92 11.20 -8.14 -22.53
C LEU B 92 11.57 -7.06 -21.53
N THR B 93 12.87 -6.81 -21.39
CA THR B 93 13.39 -5.78 -20.51
C THR B 93 14.38 -4.84 -21.19
N ALA B 94 14.79 -5.12 -22.42
CA ALA B 94 15.72 -4.24 -23.12
C ALA B 94 15.06 -2.92 -23.44
N ALA B 95 15.85 -1.84 -23.38
CA ALA B 95 15.30 -0.50 -23.54
C ALA B 95 14.67 -0.30 -24.91
N SER B 96 15.15 -1.02 -25.93
CA SER B 96 14.59 -0.90 -27.26
C SER B 96 15.06 -2.08 -28.09
N GLY B 97 14.11 -2.78 -28.71
CA GLY B 97 14.46 -3.93 -29.53
C GLY B 97 13.27 -4.38 -30.34
N ASN B 98 13.56 -5.24 -31.31
CA ASN B 98 12.53 -5.79 -32.19
C ASN B 98 12.19 -7.19 -31.73
N LEU B 99 10.94 -7.40 -31.35
CA LEU B 99 10.50 -8.72 -30.93
C LEU B 99 10.38 -9.62 -32.17
N PRO B 100 11.06 -10.75 -32.22
CA PRO B 100 10.93 -11.65 -33.36
C PRO B 100 9.69 -12.51 -33.25
N ILE B 101 8.71 -12.25 -34.10
CA ILE B 101 7.46 -13.01 -34.13
C ILE B 101 7.68 -14.24 -35.00
N PRO B 102 7.44 -15.45 -34.50
CA PRO B 102 7.59 -16.64 -35.34
C PRO B 102 6.59 -16.63 -36.49
N SER B 103 6.93 -17.38 -37.55
CA SER B 103 6.13 -17.37 -38.76
C SER B 103 4.71 -17.86 -38.51
N ASP B 104 4.56 -18.93 -37.73
CA ASP B 104 3.24 -19.49 -37.49
C ASP B 104 2.38 -18.61 -36.60
N VAL B 105 2.98 -17.69 -35.86
CA VAL B 105 2.23 -16.84 -34.94
C VAL B 105 1.47 -15.80 -35.74
N SER B 106 0.18 -15.65 -35.43
CA SER B 106 -0.63 -14.60 -36.03
C SER B 106 -1.36 -13.75 -35.01
N VAL B 107 -1.56 -14.22 -33.79
CA VAL B 107 -2.28 -13.48 -32.77
C VAL B 107 -1.52 -13.58 -31.46
N LEU B 108 -1.19 -12.44 -30.87
CA LEU B 108 -0.65 -12.40 -29.53
C LEU B 108 -1.79 -12.28 -28.54
N ASN B 109 -1.72 -13.03 -27.46
CA ASN B 109 -2.72 -12.97 -26.40
C ASN B 109 -2.06 -12.65 -25.07
N TRP B 110 -2.74 -11.81 -24.29
CA TRP B 110 -2.26 -11.36 -22.98
C TRP B 110 -0.89 -10.69 -23.09
N VAL B 111 -0.86 -9.56 -23.77
CA VAL B 111 0.30 -8.68 -23.77
C VAL B 111 0.14 -7.74 -22.58
N ARG B 112 0.98 -7.91 -21.56
CA ARG B 112 0.93 -7.07 -20.37
C ARG B 112 2.20 -6.24 -20.30
N ALA B 113 2.04 -4.94 -20.13
CA ALA B 113 3.18 -4.03 -20.05
C ALA B 113 3.04 -3.13 -18.85
N VAL B 114 4.17 -2.71 -18.30
CA VAL B 114 4.23 -1.81 -17.16
C VAL B 114 5.28 -0.75 -17.44
N GLY B 115 4.91 0.51 -17.23
CA GLY B 115 5.87 1.59 -17.41
C GLY B 115 6.88 1.65 -16.27
N GLY B 116 7.95 2.38 -16.52
CA GLY B 116 8.97 2.51 -15.50
C GLY B 116 8.52 3.35 -14.33
N GLY B 117 9.23 3.21 -13.22
CA GLY B 117 8.94 3.94 -12.01
C GLY B 117 9.90 5.10 -11.82
N GLY B 118 9.46 6.08 -11.05
CA GLY B 118 10.25 7.28 -10.78
C GLY B 118 10.87 7.23 -9.39
N ALA B 119 12.08 7.75 -9.30
CA ALA B 119 12.77 7.81 -8.02
C ALA B 119 12.18 8.90 -7.14
N GLY B 120 12.50 8.84 -5.86
CA GLY B 120 12.05 9.85 -4.93
C GLY B 120 13.03 10.99 -4.79
N GLY B 121 12.53 12.11 -4.25
CA GLY B 121 13.38 13.26 -4.05
C GLY B 121 14.33 13.10 -2.88
N ASN B 122 15.39 13.89 -2.90
CA ASN B 122 16.36 13.87 -1.82
C ASN B 122 15.83 14.66 -0.62
N SER B 123 16.52 14.52 0.50
CA SER B 123 16.18 15.21 1.74
C SER B 123 17.39 16.00 2.22
N ASN B 124 17.17 17.27 2.55
CA ASN B 124 18.25 18.08 3.05
C ASN B 124 18.43 17.87 4.55
N THR B 125 19.49 18.47 5.10
CA THR B 125 19.82 18.31 6.50
C THR B 125 18.95 19.21 7.37
N GLY B 126 17.63 19.08 7.24
CA GLY B 126 16.72 19.86 8.04
C GLY B 126 15.81 18.99 8.88
N ASN B 127 14.50 19.18 8.73
CA ASN B 127 13.53 18.35 9.44
C ASN B 127 12.39 17.86 8.57
N SER B 128 12.14 18.48 7.41
CA SER B 128 11.02 18.10 6.57
C SER B 128 11.33 16.84 5.77
N LYS B 129 10.29 16.29 5.15
CA LYS B 129 10.35 15.00 4.49
C LYS B 129 10.27 15.16 2.98
N ALA B 130 11.01 14.33 2.27
CA ALA B 130 10.91 14.33 0.81
C ALA B 130 9.69 13.54 0.35
N SER B 131 9.27 13.82 -0.88
CA SER B 131 8.11 13.15 -1.47
C SER B 131 8.57 11.99 -2.34
N GLY B 132 7.99 10.81 -2.10
CA GLY B 132 8.37 9.65 -2.88
C GLY B 132 7.89 9.76 -4.32
N GLY B 133 8.66 9.16 -5.22
CA GLY B 133 8.31 9.19 -6.61
C GLY B 133 7.09 8.33 -6.91
N GLY B 134 6.39 8.68 -7.99
CA GLY B 134 5.19 7.95 -8.34
C GLY B 134 5.50 6.71 -9.16
N GLY B 135 4.74 5.65 -8.90
CA GLY B 135 4.92 4.43 -9.63
C GLY B 135 4.44 4.53 -11.07
N GLY B 136 4.95 3.63 -11.90
CA GLY B 136 4.56 3.63 -13.29
C GLY B 136 3.21 2.99 -13.51
N ALA B 137 2.56 3.39 -14.60
CA ALA B 137 1.28 2.82 -14.97
C ALA B 137 1.49 1.48 -15.65
N GLY B 138 0.39 0.89 -16.11
CA GLY B 138 0.50 -0.36 -16.83
C GLY B 138 -0.79 -0.65 -17.56
N PHE B 139 -0.74 -1.69 -18.38
CA PHE B 139 -1.93 -2.12 -19.11
C PHE B 139 -1.76 -3.58 -19.49
N ASP B 140 -2.87 -4.17 -19.91
CA ASP B 140 -2.80 -5.49 -20.54
C ASP B 140 -3.90 -5.64 -21.57
N ARG B 141 -3.55 -6.29 -22.66
CA ARG B 141 -4.42 -6.47 -23.81
C ARG B 141 -4.53 -7.95 -24.14
N PHE B 142 -5.58 -8.31 -24.85
CA PHE B 142 -5.82 -9.69 -25.22
C PHE B 142 -6.17 -9.76 -26.70
N ASN B 143 -5.78 -10.88 -27.32
CA ASN B 143 -6.17 -11.17 -28.70
C ASN B 143 -5.74 -10.05 -29.66
N VAL B 144 -4.55 -9.51 -29.43
CA VAL B 144 -4.02 -8.47 -30.30
C VAL B 144 -3.38 -9.11 -31.52
N ALA B 145 -3.66 -8.55 -32.69
CA ALA B 145 -3.26 -9.15 -33.95
C ALA B 145 -1.89 -8.65 -34.38
N VAL B 146 -1.02 -9.56 -34.78
CA VAL B 146 0.33 -9.24 -35.23
C VAL B 146 0.65 -10.05 -36.47
N THR B 147 1.16 -9.39 -37.50
CA THR B 147 1.55 -10.08 -38.70
C THR B 147 2.82 -10.90 -38.46
N PRO B 148 2.94 -12.07 -39.08
CA PRO B 148 4.18 -12.84 -38.97
C PRO B 148 5.37 -12.07 -39.52
N GLY B 149 6.53 -12.28 -38.90
CA GLY B 149 7.74 -11.57 -39.25
C GLY B 149 8.32 -10.84 -38.04
N SER B 150 8.72 -9.60 -38.25
CA SER B 150 9.22 -8.77 -37.17
C SER B 150 8.07 -8.01 -36.51
N ASN B 151 8.29 -7.62 -35.26
CA ASN B 151 7.29 -6.92 -34.48
C ASN B 151 7.61 -5.43 -34.42
N VAL B 152 6.57 -4.65 -34.14
CA VAL B 152 6.79 -3.25 -33.78
C VAL B 152 7.72 -3.21 -32.58
N PRO B 153 8.77 -2.40 -32.61
CA PRO B 153 9.78 -2.45 -31.54
C PRO B 153 9.22 -2.05 -30.20
N TYR B 154 9.29 -2.97 -29.25
CA TYR B 154 8.99 -2.64 -27.87
C TYR B 154 10.07 -1.73 -27.31
N THR B 155 9.67 -0.80 -26.44
CA THR B 155 10.61 0.04 -25.70
C THR B 155 10.13 0.10 -24.25
N VAL B 156 10.91 -0.44 -23.34
CA VAL B 156 10.54 -0.42 -21.94
C VAL B 156 11.15 0.83 -21.28
N GLY B 157 10.49 1.31 -20.25
CA GLY B 157 10.92 2.53 -19.61
C GLY B 157 11.99 2.32 -18.57
N ALA B 158 13.13 2.98 -18.74
CA ALA B 158 14.20 2.86 -17.77
C ALA B 158 13.78 3.46 -16.43
N ALA B 159 14.29 2.87 -15.36
CA ALA B 159 13.95 3.34 -14.02
C ALA B 159 14.48 4.75 -13.81
N GLY B 160 13.74 5.55 -13.06
CA GLY B 160 14.16 6.90 -12.76
C GLY B 160 15.39 6.91 -11.87
N ALA B 161 16.50 7.42 -12.41
CA ALA B 161 17.73 7.47 -11.63
C ALA B 161 17.61 8.50 -10.50
N VAL B 162 18.28 8.21 -9.39
CA VAL B 162 18.23 9.11 -8.24
C VAL B 162 19.03 10.36 -8.54
N ASN B 163 18.40 11.52 -8.33
CA ASN B 163 19.08 12.80 -8.45
C ASN B 163 19.82 13.12 -7.14
N GLY B 164 20.70 12.20 -6.77
CA GLY B 164 21.36 12.26 -5.49
C GLY B 164 22.62 13.10 -5.46
N LEU B 165 22.83 13.92 -6.48
CA LEU B 165 24.01 14.78 -6.51
C LEU B 165 24.01 15.81 -5.38
N GLY B 166 22.87 16.07 -4.76
CA GLY B 166 22.82 17.02 -3.67
C GLY B 166 21.54 16.89 -2.88
N ALA B 167 21.37 17.80 -1.94
CA ALA B 167 20.21 17.81 -1.06
C ALA B 167 19.09 18.65 -1.68
N GLY B 168 17.86 18.19 -1.46
CA GLY B 168 16.71 18.95 -1.92
C GLY B 168 16.49 18.93 -3.42
N TYR B 169 17.03 17.94 -4.12
CA TYR B 169 16.81 17.79 -5.54
C TYR B 169 15.76 16.73 -5.82
N ASN B 170 14.85 17.05 -6.73
CA ASN B 170 13.83 16.10 -7.13
C ASN B 170 14.43 15.01 -8.02
N GLY B 171 14.05 13.77 -7.75
CA GLY B 171 14.56 12.67 -8.53
C GLY B 171 13.95 12.62 -9.92
N GLY B 172 14.62 11.87 -10.80
CA GLY B 172 14.15 11.75 -12.15
C GLY B 172 12.89 10.93 -12.26
N ALA B 173 12.24 11.04 -13.41
CA ALA B 173 11.01 10.32 -13.69
C ALA B 173 11.29 9.13 -14.59
N GLY B 174 10.64 8.00 -14.29
CA GLY B 174 10.86 6.81 -15.07
C GLY B 174 10.30 6.92 -16.48
N GLY B 175 10.89 6.14 -17.38
CA GLY B 175 10.48 6.16 -18.75
C GLY B 175 9.16 5.44 -18.99
N SER B 176 8.58 5.68 -20.15
CA SER B 176 7.33 5.07 -20.55
C SER B 176 7.59 3.80 -21.35
N THR B 177 6.66 2.87 -21.28
CA THR B 177 6.77 1.59 -21.95
C THR B 177 5.74 1.54 -23.08
N ALA B 178 6.21 1.35 -24.31
CA ALA B 178 5.35 1.42 -25.47
C ALA B 178 5.44 0.13 -26.28
N ILE B 179 4.30 -0.34 -26.77
CA ILE B 179 4.27 -1.47 -27.67
C ILE B 179 2.93 -1.49 -28.39
N LEU B 180 2.97 -1.76 -29.70
CA LEU B 180 1.78 -1.96 -30.51
C LEU B 180 0.81 -0.79 -30.38
N GLY B 181 1.35 0.42 -30.33
CA GLY B 181 0.52 1.60 -30.29
C GLY B 181 -0.06 1.94 -28.93
N THR B 182 0.28 1.19 -27.89
CA THR B 182 -0.21 1.46 -26.55
C THR B 182 0.97 1.78 -25.65
N THR B 183 0.86 2.85 -24.87
CA THR B 183 1.93 3.29 -23.99
C THR B 183 1.44 3.37 -22.56
N ALA B 184 2.22 2.80 -21.65
CA ALA B 184 2.03 3.00 -20.22
C ALA B 184 3.10 3.98 -19.78
N GLY B 185 2.67 5.20 -19.45
CA GLY B 185 3.63 6.23 -19.09
C GLY B 185 4.32 5.94 -17.77
N GLY B 186 5.58 6.33 -17.71
CA GLY B 186 6.32 6.18 -16.47
C GLY B 186 5.86 7.16 -15.41
N GLY B 187 5.91 6.72 -14.16
CA GLY B 187 5.53 7.59 -13.07
C GLY B 187 6.50 8.76 -12.93
N ALA B 188 5.96 9.91 -12.54
CA ALA B 188 6.79 11.08 -12.36
C ALA B 188 7.71 10.90 -11.15
N GLY B 189 8.82 11.62 -11.17
CA GLY B 189 9.79 11.53 -10.10
C GLY B 189 9.31 12.23 -8.84
N GLY B 190 10.10 12.10 -7.79
CA GLY B 190 9.81 12.74 -6.53
C GLY B 190 10.07 14.22 -6.61
N LEU B 191 9.97 14.87 -5.45
CA LEU B 191 10.21 16.30 -5.35
C LEU B 191 11.26 16.58 -4.28
N GLY B 192 12.22 17.42 -4.63
CA GLY B 192 13.19 17.85 -3.65
C GLY B 192 12.54 18.66 -2.55
N VAL B 193 13.11 18.58 -1.35
CA VAL B 193 12.50 19.16 -0.17
C VAL B 193 13.50 20.09 0.51
N ASN B 194 13.02 21.24 0.95
CA ASN B 194 13.81 22.18 1.74
C ASN B 194 13.52 21.97 3.21
N ASN B 195 14.05 22.86 4.05
CA ASN B 195 13.88 22.71 5.49
C ASN B 195 12.45 23.08 5.90
N ASN B 196 11.94 22.34 6.89
CA ASN B 196 10.64 22.57 7.52
C ASN B 196 9.52 22.88 6.53
N ALA B 197 9.55 22.23 5.37
CA ALA B 197 8.47 22.38 4.39
C ALA B 197 8.41 21.09 3.57
N THR B 198 7.48 20.21 3.93
CA THR B 198 7.35 18.94 3.23
C THR B 198 6.88 19.16 1.79
N ALA B 199 7.31 18.28 0.90
CA ALA B 199 7.03 18.44 -0.52
C ALA B 199 5.57 18.11 -0.82
N VAL B 200 5.24 18.09 -2.10
CA VAL B 200 3.88 17.84 -2.58
C VAL B 200 3.88 16.55 -3.36
N GLN B 201 2.74 15.87 -3.36
CA GLN B 201 2.61 14.60 -4.06
C GLN B 201 2.75 14.81 -5.57
N VAL B 202 3.14 13.73 -6.25
CA VAL B 202 3.34 13.76 -7.70
C VAL B 202 2.46 12.70 -8.34
N ASN B 203 2.06 12.98 -9.58
CA ASN B 203 1.18 12.07 -10.30
C ASN B 203 1.91 10.79 -10.68
N GLY B 204 1.15 9.70 -10.77
CA GLY B 204 1.66 8.46 -11.29
C GLY B 204 1.58 8.43 -12.80
N GLY B 205 1.76 7.23 -13.35
CA GLY B 205 1.68 7.06 -14.78
C GLY B 205 0.26 7.03 -15.29
N THR B 206 0.13 7.10 -16.60
CA THR B 206 -1.16 7.00 -17.29
C THR B 206 -1.03 6.03 -18.45
N THR B 207 -2.09 5.93 -19.25
CA THR B 207 -2.12 5.05 -20.40
C THR B 207 -2.59 5.85 -21.61
N SER B 208 -1.89 5.69 -22.73
CA SER B 208 -2.26 6.41 -23.94
C SER B 208 -2.15 5.53 -25.18
N GLY B 209 -2.66 6.01 -26.31
CA GLY B 209 -2.68 5.21 -27.51
C GLY B 209 -4.01 4.48 -27.63
N THR B 210 -3.98 3.35 -28.34
CA THR B 210 -5.16 2.52 -28.43
C THR B 210 -5.57 2.04 -27.04
N THR B 211 -6.86 2.15 -26.74
CA THR B 211 -7.32 1.88 -25.39
C THR B 211 -7.20 0.41 -25.06
N PRO B 212 -6.44 0.04 -24.03
CA PRO B 212 -6.40 -1.36 -23.63
C PRO B 212 -7.68 -1.77 -22.93
N GLU B 213 -7.93 -3.08 -22.91
CA GLU B 213 -9.09 -3.58 -22.19
C GLU B 213 -9.00 -3.31 -20.70
N ILE B 214 -7.82 -3.48 -20.12
CA ILE B 214 -7.63 -3.21 -18.70
C ILE B 214 -6.38 -2.37 -18.54
N SER B 215 -6.55 -1.14 -18.05
CA SER B 215 -5.44 -0.23 -17.79
C SER B 215 -5.34 0.01 -16.29
N TYR B 216 -4.13 -0.06 -15.76
CA TYR B 216 -3.87 0.10 -14.34
C TYR B 216 -3.13 1.42 -14.15
N PRO B 217 -3.80 2.50 -13.76
CA PRO B 217 -3.07 3.73 -13.49
C PRO B 217 -2.09 3.53 -12.35
N GLY B 218 -0.89 4.09 -12.52
CA GLY B 218 0.16 3.85 -11.56
C GLY B 218 -0.10 4.56 -10.24
N GLY B 219 0.38 3.95 -9.17
CA GLY B 219 0.27 4.56 -7.86
C GLY B 219 1.01 5.88 -7.79
N LEU B 220 0.31 6.93 -7.40
CA LEU B 220 0.91 8.26 -7.35
C LEU B 220 1.82 8.38 -6.12
N GLY B 221 2.92 9.08 -6.29
CA GLY B 221 3.79 9.36 -5.17
C GLY B 221 3.12 10.27 -4.17
N THR B 222 3.52 10.14 -2.91
CA THR B 222 2.85 10.82 -1.83
C THR B 222 3.55 12.13 -1.47
N GLU B 223 2.85 12.95 -0.68
CA GLU B 223 3.34 14.29 -0.38
C GLU B 223 4.59 14.26 0.49
N GLY B 224 4.77 13.23 1.32
CA GLY B 224 6.05 13.09 1.98
C GLY B 224 6.06 12.67 3.43
N ILE B 225 5.05 13.07 4.21
CA ILE B 225 5.03 12.66 5.61
C ILE B 225 4.92 11.15 5.71
N VAL B 226 3.97 10.56 4.98
CA VAL B 226 4.01 9.12 4.77
C VAL B 226 5.15 8.76 3.82
N GLY B 227 5.36 9.56 2.78
CA GLY B 227 6.50 9.44 1.92
C GLY B 227 6.58 8.20 1.06
N THR B 228 5.61 7.30 1.15
CA THR B 228 5.74 6.02 0.47
C THR B 228 5.70 6.19 -1.04
N GLY B 229 6.53 5.41 -1.72
CA GLY B 229 6.56 5.45 -3.16
C GLY B 229 5.38 4.75 -3.79
N GLY B 230 5.02 5.20 -4.99
CA GLY B 230 3.89 4.61 -5.68
C GLY B 230 4.18 3.21 -6.16
N GLY B 231 3.11 2.41 -6.25
CA GLY B 231 3.22 1.06 -6.74
C GLY B 231 2.67 0.91 -8.15
N SER B 232 2.89 -0.27 -8.72
CA SER B 232 2.42 -0.57 -10.07
C SER B 232 1.67 -1.89 -10.08
N VAL B 233 1.41 -2.42 -11.28
CA VAL B 233 0.70 -3.69 -11.39
C VAL B 233 1.48 -4.79 -10.67
N LEU B 234 2.79 -4.84 -10.91
CA LEU B 234 3.63 -5.90 -10.38
C LEU B 234 4.40 -5.49 -9.13
N SER B 235 4.20 -4.27 -8.64
CA SER B 235 4.97 -3.77 -7.51
C SER B 235 4.03 -3.37 -6.37
N GLN B 236 4.59 -3.36 -5.18
CA GLN B 236 3.86 -2.91 -4.02
C GLN B 236 4.35 -1.55 -3.58
N PRO B 237 3.49 -0.72 -3.00
CA PRO B 237 3.95 0.58 -2.50
C PRO B 237 4.99 0.41 -1.40
N THR B 238 6.20 0.85 -1.69
CA THR B 238 7.30 0.76 -0.75
C THR B 238 7.34 2.01 0.12
N GLN B 239 7.76 1.81 1.37
CA GLN B 239 7.85 2.88 2.35
C GLN B 239 9.29 3.33 2.51
N ARG B 240 9.45 4.52 3.06
CA ARG B 240 10.78 5.05 3.33
C ARG B 240 11.42 4.30 4.49
N ALA B 241 12.75 4.22 4.46
CA ALA B 241 13.52 3.56 5.50
C ALA B 241 14.25 4.62 6.32
N PHE B 242 13.97 4.66 7.61
CA PHE B 242 14.60 5.64 8.50
C PHE B 242 16.01 5.17 8.84
N THR B 243 17.01 5.86 8.29
CA THR B 243 18.39 5.54 8.58
C THR B 243 19.23 6.80 8.46
N ASN B 244 20.40 6.75 9.10
CA ASN B 244 21.36 7.86 9.03
C ASN B 244 22.49 7.58 8.06
N ALA B 245 22.45 6.48 7.33
CA ALA B 245 23.48 6.14 6.38
C ALA B 245 23.00 6.13 4.93
N GLY B 246 21.70 6.30 4.71
CA GLY B 246 21.18 6.27 3.36
C GLY B 246 21.14 4.88 2.76
N ASN B 247 20.49 3.94 3.45
CA ASN B 247 20.32 2.61 2.89
C ASN B 247 19.50 2.65 1.61
N ASN B 248 18.44 3.46 1.59
CA ASN B 248 17.70 3.78 0.37
C ASN B 248 17.08 2.52 -0.24
N ASN B 249 16.15 1.93 0.50
CA ASN B 249 15.46 0.75 0.00
C ASN B 249 14.70 1.09 -1.28
N PRO B 250 14.99 0.44 -2.40
CA PRO B 250 14.34 0.78 -3.66
C PRO B 250 12.98 0.11 -3.76
N ALA B 251 12.30 0.36 -4.87
CA ALA B 251 11.03 -0.31 -5.12
C ALA B 251 11.24 -1.81 -5.26
N ASN B 252 10.28 -2.58 -4.78
CA ASN B 252 10.46 -4.02 -4.68
C ASN B 252 10.59 -4.66 -6.06
N SER B 253 9.69 -4.34 -6.98
CA SER B 253 9.68 -4.99 -8.28
C SER B 253 9.39 -3.95 -9.35
N TRP B 254 9.11 -4.44 -10.56
CA TRP B 254 9.03 -3.58 -11.73
C TRP B 254 7.91 -2.56 -11.59
N GLY B 255 8.15 -1.37 -12.13
CA GLY B 255 7.15 -0.33 -12.15
C GLY B 255 6.97 0.41 -10.85
N GLY B 256 7.62 -0.01 -9.78
CA GLY B 256 7.49 0.67 -8.52
C GLY B 256 8.22 1.99 -8.49
N GLY B 257 7.85 2.82 -7.52
CA GLY B 257 8.46 4.13 -7.35
C GLY B 257 9.27 4.19 -6.08
N GLY B 258 10.33 4.98 -6.11
CA GLY B 258 11.18 5.15 -4.96
C GLY B 258 10.43 5.80 -3.82
N PRO B 259 10.79 5.44 -2.59
CA PRO B 259 10.09 5.98 -1.42
C PRO B 259 10.57 7.35 -0.97
N GLY B 260 11.43 8.01 -1.73
CA GLY B 260 11.87 9.34 -1.38
C GLY B 260 12.75 9.41 -0.15
N GLY B 261 13.55 10.46 -0.04
CA GLY B 261 14.46 10.59 1.07
C GLY B 261 13.77 11.04 2.34
N SER B 262 14.57 11.10 3.41
CA SER B 262 14.07 11.54 4.70
C SER B 262 15.22 12.08 5.52
N ASP B 263 14.87 12.83 6.57
CA ASP B 263 15.85 13.39 7.48
C ASP B 263 15.43 13.12 8.92
N PHE B 264 16.35 12.59 9.72
CA PHE B 264 16.18 12.52 11.16
C PHE B 264 17.55 12.38 11.78
N GLY B 265 17.83 13.20 12.79
CA GLY B 265 19.15 13.19 13.40
C GLY B 265 20.26 13.56 12.45
N GLY B 266 20.03 14.56 11.59
CA GLY B 266 21.04 14.97 10.65
C GLY B 266 21.26 14.01 9.49
N ALA B 267 20.30 13.12 9.24
CA ALA B 267 20.45 12.16 8.16
C ALA B 267 20.30 12.86 6.80
N TRP B 268 20.83 12.20 5.77
CA TRP B 268 20.81 12.72 4.41
C TRP B 268 20.39 11.63 3.44
N GLN B 269 19.28 10.97 3.75
CA GLN B 269 18.80 9.90 2.89
C GLN B 269 18.37 10.47 1.55
N PRO B 270 18.94 10.02 0.44
CA PRO B 270 18.55 10.58 -0.86
C PRO B 270 17.22 10.05 -1.36
N GLY B 271 16.89 8.82 -1.01
CA GLY B 271 15.63 8.27 -1.50
C GLY B 271 15.88 7.16 -2.50
N GLY B 272 15.04 6.13 -2.42
CA GLY B 272 15.27 4.93 -3.21
C GLY B 272 15.07 5.17 -4.69
N VAL B 273 15.73 4.33 -5.48
CA VAL B 273 15.62 4.40 -6.94
C VAL B 273 14.38 3.63 -7.38
N GLY B 274 13.83 4.02 -8.53
CA GLY B 274 12.72 3.31 -9.10
C GLY B 274 13.17 2.03 -9.78
N LYS B 275 12.20 1.31 -10.32
CA LYS B 275 12.45 0.06 -11.04
C LYS B 275 11.92 0.17 -12.45
N GLN B 276 12.66 -0.37 -13.40
CA GLN B 276 12.27 -0.29 -14.80
C GLN B 276 11.05 -1.18 -15.05
N GLY B 277 10.36 -0.89 -16.15
CA GLY B 277 9.20 -1.67 -16.52
C GLY B 277 9.56 -2.82 -17.45
N ILE B 278 8.65 -3.78 -17.53
CA ILE B 278 8.83 -4.97 -18.35
C ILE B 278 7.63 -5.17 -19.24
N ILE B 279 7.82 -5.97 -20.28
CA ILE B 279 6.74 -6.35 -21.18
C ILE B 279 6.62 -7.87 -21.17
N ILE B 280 5.41 -8.36 -20.94
CA ILE B 280 5.16 -9.80 -20.90
C ILE B 280 4.21 -10.14 -22.03
N VAL B 281 4.62 -11.05 -22.91
CA VAL B 281 3.77 -11.47 -24.01
C VAL B 281 3.68 -12.98 -24.00
N GLN B 282 2.57 -13.49 -24.53
CA GLN B 282 2.35 -14.92 -24.63
C GLN B 282 1.82 -15.25 -26.01
N TYR B 283 2.24 -16.38 -26.56
CA TYR B 283 1.69 -16.81 -27.84
C TYR B 283 1.90 -18.30 -28.03
N PHE B 284 1.12 -18.86 -28.94
CA PHE B 284 1.19 -20.27 -29.26
C PHE B 284 2.04 -20.46 -30.52
N SER B 285 3.10 -21.25 -30.41
CA SER B 285 3.97 -21.50 -31.55
C SER B 285 4.74 -22.78 -31.30
N ARG B 286 4.95 -23.56 -32.36
CA ARG B 286 5.77 -24.75 -32.25
C ARG B 286 7.25 -24.42 -32.18
N PHE B 287 7.63 -23.19 -32.51
CA PHE B 287 9.03 -22.80 -32.47
C PHE B 287 9.44 -22.41 -31.05
N ALA B 288 10.74 -22.40 -30.82
CA ALA B 288 11.27 -21.97 -29.53
C ALA B 288 11.03 -20.48 -29.34
N PRO B 289 10.83 -20.03 -28.10
CA PRO B 289 10.61 -18.60 -27.82
C PRO B 289 11.85 -17.77 -28.11
N LEU C 40 -16.86 -55.42 -46.27
CA LEU C 40 -17.25 -54.01 -46.33
C LEU C 40 -18.43 -53.80 -47.27
N ASP C 41 -19.51 -53.24 -46.72
CA ASP C 41 -20.69 -52.98 -47.53
C ASP C 41 -20.45 -51.79 -48.46
N VAL C 42 -21.17 -51.79 -49.58
CA VAL C 42 -21.04 -50.71 -50.55
C VAL C 42 -21.52 -49.39 -49.96
N GLU C 43 -22.55 -49.44 -49.12
CA GLU C 43 -23.08 -48.25 -48.48
C GLU C 43 -22.37 -47.91 -47.17
N LEU C 44 -21.77 -48.90 -46.51
CA LEU C 44 -21.14 -48.66 -45.22
C LEU C 44 -19.95 -47.72 -45.34
N ASP C 45 -19.06 -47.98 -46.32
CA ASP C 45 -17.91 -47.11 -46.50
C ASP C 45 -18.32 -45.72 -46.96
N ASN C 46 -19.36 -45.63 -47.80
CA ASN C 46 -19.87 -44.32 -48.20
C ASN C 46 -20.38 -43.54 -47.00
N TRP C 47 -21.12 -44.21 -46.12
CA TRP C 47 -21.60 -43.55 -44.90
C TRP C 47 -20.43 -43.12 -44.03
N LEU C 48 -19.41 -43.98 -43.92
CA LEU C 48 -18.25 -43.65 -43.11
C LEU C 48 -17.53 -42.42 -43.65
N MET C 49 -17.32 -42.36 -44.96
CA MET C 49 -16.63 -41.21 -45.52
C MET C 49 -17.49 -39.95 -45.43
N TRP C 50 -18.81 -40.09 -45.57
CA TRP C 50 -19.69 -38.94 -45.37
C TRP C 50 -19.60 -38.44 -43.94
N TRP C 51 -19.59 -39.36 -42.97
CA TRP C 51 -19.45 -38.95 -41.58
C TRP C 51 -18.11 -38.25 -41.34
N LEU C 52 -17.04 -38.79 -41.92
CA LEU C 52 -15.74 -38.15 -41.77
C LEU C 52 -15.73 -36.76 -42.36
N THR C 53 -16.29 -36.58 -43.56
CA THR C 53 -16.27 -35.28 -44.20
C THR C 53 -17.20 -34.30 -43.54
N GLY C 54 -18.24 -34.78 -42.85
CA GLY C 54 -19.08 -33.88 -42.08
C GLY C 54 -18.52 -33.57 -40.71
N GLN C 55 -17.68 -34.46 -40.18
CA GLN C 55 -17.01 -34.19 -38.93
C GLN C 55 -15.92 -33.16 -39.12
N VAL C 56 -15.11 -33.32 -40.16
CA VAL C 56 -13.91 -32.49 -40.29
C VAL C 56 -14.28 -31.03 -40.50
N ASP C 57 -15.24 -30.76 -41.37
CA ASP C 57 -15.53 -29.38 -41.73
C ASP C 57 -16.27 -28.63 -40.64
N GLY C 58 -17.02 -29.33 -39.79
CA GLY C 58 -17.78 -28.66 -38.75
C GLY C 58 -16.91 -27.77 -37.88
N VAL C 59 -15.64 -28.11 -37.75
CA VAL C 59 -14.70 -27.23 -37.06
C VAL C 59 -14.46 -25.97 -37.89
N ILE C 60 -14.42 -26.09 -39.21
CA ILE C 60 -14.04 -24.97 -40.06
C ILE C 60 -15.00 -23.81 -39.88
N GLU C 61 -16.31 -24.08 -40.00
CA GLU C 61 -17.28 -23.07 -39.63
C GLU C 61 -17.56 -23.05 -38.14
N GLY C 62 -16.98 -23.98 -37.38
CA GLY C 62 -17.07 -23.89 -35.94
C GLY C 62 -16.46 -22.60 -35.41
N ALA C 63 -15.32 -22.20 -35.97
CA ALA C 63 -14.72 -20.92 -35.66
C ALA C 63 -14.96 -19.88 -36.74
N GLY C 64 -15.86 -20.16 -37.68
CA GLY C 64 -16.21 -19.18 -38.68
C GLY C 64 -15.19 -19.03 -39.79
N LEU C 65 -14.98 -20.10 -40.56
CA LEU C 65 -14.07 -20.06 -41.69
C LEU C 65 -14.71 -20.78 -42.87
N THR C 66 -14.30 -20.40 -44.07
CA THR C 66 -14.82 -21.01 -45.28
C THR C 66 -14.15 -22.36 -45.51
N THR C 67 -14.92 -23.30 -46.05
CA THR C 67 -14.43 -24.66 -46.31
C THR C 67 -13.69 -24.69 -47.65
N ASP C 68 -12.51 -24.07 -47.64
CA ASP C 68 -11.67 -24.07 -48.82
C ASP C 68 -11.10 -25.47 -49.06
N ASP C 69 -11.10 -25.89 -50.33
CA ASP C 69 -10.59 -27.19 -50.72
C ASP C 69 -9.21 -27.12 -51.36
N THR C 70 -8.51 -25.99 -51.21
CA THR C 70 -7.22 -25.81 -51.86
C THR C 70 -6.15 -25.41 -50.85
N ASP C 71 -6.56 -24.70 -49.79
CA ASP C 71 -5.59 -24.23 -48.80
C ASP C 71 -4.89 -25.38 -48.11
N LEU C 72 -5.62 -26.44 -47.78
CA LEU C 72 -5.13 -27.66 -47.15
C LEU C 72 -4.69 -27.44 -45.70
N ALA C 73 -4.69 -26.20 -45.20
CA ALA C 73 -4.38 -25.94 -43.80
C ALA C 73 -5.56 -25.33 -43.07
N ARG C 74 -6.10 -24.22 -43.58
CA ARG C 74 -7.28 -23.56 -43.01
C ARG C 74 -7.06 -23.18 -41.54
N LEU C 75 -5.95 -22.50 -41.26
CA LEU C 75 -5.60 -22.11 -39.89
C LEU C 75 -5.49 -23.33 -38.98
N TYR C 76 -4.85 -24.37 -39.50
CA TYR C 76 -4.72 -25.65 -38.81
C TYR C 76 -6.10 -26.17 -38.44
N LYS C 77 -7.05 -25.98 -39.34
CA LYS C 77 -8.45 -26.32 -39.11
C LYS C 77 -9.03 -25.46 -37.99
N ALA C 78 -8.96 -24.14 -38.18
CA ALA C 78 -9.58 -23.15 -37.32
C ALA C 78 -9.05 -23.24 -35.90
N ILE C 79 -7.92 -23.91 -35.71
CA ILE C 79 -7.51 -24.20 -34.34
C ILE C 79 -6.84 -22.98 -33.71
N GLN C 80 -6.03 -22.26 -34.48
CA GLN C 80 -5.53 -20.99 -33.97
C GLN C 80 -6.68 -20.04 -33.63
N SER C 81 -7.70 -20.00 -34.49
CA SER C 81 -8.81 -19.09 -34.24
C SER C 81 -9.65 -19.54 -33.06
N MET C 82 -9.69 -20.84 -32.78
CA MET C 82 -10.52 -21.35 -31.70
C MET C 82 -9.78 -21.40 -30.37
N THR C 83 -8.45 -21.31 -30.38
CA THR C 83 -7.67 -21.25 -29.16
C THR C 83 -7.03 -19.88 -28.96
N SER C 84 -6.26 -19.40 -29.92
CA SER C 84 -5.62 -18.09 -29.78
C SER C 84 -6.60 -16.97 -30.14
N GLY C 85 -7.21 -17.05 -31.30
CA GLY C 85 -8.22 -16.09 -31.70
C GLY C 85 -9.52 -16.33 -30.97
N ASN C 86 -10.52 -15.53 -31.33
CA ASN C 86 -11.87 -15.63 -30.79
C ASN C 86 -11.93 -15.41 -29.29
N LEU C 87 -10.82 -15.07 -28.65
CA LEU C 87 -10.81 -14.86 -27.21
C LEU C 87 -11.40 -13.49 -26.92
N ARG C 88 -12.73 -13.43 -26.99
CA ARG C 88 -13.43 -12.17 -26.81
C ARG C 88 -13.45 -11.84 -25.33
N THR C 89 -13.00 -10.64 -24.99
CA THR C 89 -12.98 -10.14 -23.62
C THR C 89 -13.98 -9.01 -23.51
N VAL C 90 -14.86 -9.09 -22.51
CA VAL C 90 -15.91 -8.11 -22.30
C VAL C 90 -15.72 -7.49 -20.93
N VAL C 91 -15.72 -6.16 -20.88
CA VAL C 91 -15.65 -5.40 -19.65
C VAL C 91 -17.00 -4.75 -19.42
N LEU C 92 -17.61 -5.04 -18.28
CA LEU C 92 -18.92 -4.55 -17.92
C LEU C 92 -18.80 -3.53 -16.80
N THR C 93 -19.39 -2.35 -17.02
CA THR C 93 -19.39 -1.27 -16.05
C THR C 93 -20.77 -0.70 -15.78
N ALA C 94 -21.80 -1.10 -16.52
CA ALA C 94 -23.14 -0.59 -16.27
C ALA C 94 -23.66 -1.11 -14.94
N ALA C 95 -24.45 -0.27 -14.26
CA ALA C 95 -24.93 -0.62 -12.92
C ALA C 95 -25.79 -1.87 -12.93
N SER C 96 -26.48 -2.14 -14.03
CA SER C 96 -27.32 -3.33 -14.15
C SER C 96 -27.63 -3.58 -15.60
N GLY C 97 -27.39 -4.80 -16.06
CA GLY C 97 -27.68 -5.13 -17.44
C GLY C 97 -27.57 -6.62 -17.65
N ASN C 98 -28.03 -7.06 -18.82
CA ASN C 98 -28.00 -8.45 -19.21
C ASN C 98 -26.87 -8.67 -20.20
N LEU C 99 -25.92 -9.54 -19.84
CA LEU C 99 -24.82 -9.85 -20.74
C LEU C 99 -25.32 -10.74 -21.86
N PRO C 100 -25.17 -10.36 -23.11
CA PRO C 100 -25.61 -11.23 -24.21
C PRO C 100 -24.58 -12.30 -24.48
N ILE C 101 -24.93 -13.54 -24.14
CA ILE C 101 -24.06 -14.70 -24.37
C ILE C 101 -24.33 -15.21 -25.77
N PRO C 102 -23.32 -15.30 -26.64
CA PRO C 102 -23.56 -15.82 -28.00
C PRO C 102 -24.02 -17.27 -27.96
N SER C 103 -24.63 -17.69 -29.07
CA SER C 103 -25.22 -19.02 -29.14
C SER C 103 -24.18 -20.12 -28.96
N ASP C 104 -23.02 -19.97 -29.60
CA ASP C 104 -22.01 -21.01 -29.53
C ASP C 104 -21.27 -21.07 -28.21
N VAL C 105 -21.40 -20.05 -27.37
CA VAL C 105 -20.71 -20.03 -26.09
C VAL C 105 -21.44 -20.94 -25.11
N SER C 106 -20.68 -21.80 -24.43
CA SER C 106 -21.24 -22.65 -23.39
C SER C 106 -20.51 -22.54 -22.06
N VAL C 107 -19.25 -22.12 -22.05
CA VAL C 107 -18.48 -22.01 -20.83
C VAL C 107 -17.74 -20.69 -20.83
N LEU C 108 -17.92 -19.91 -19.77
CA LEU C 108 -17.11 -18.72 -19.55
C LEU C 108 -15.89 -19.10 -18.73
N ASN C 109 -14.75 -18.54 -19.09
CA ASN C 109 -13.52 -18.78 -18.35
C ASN C 109 -12.92 -17.46 -17.90
N TRP C 110 -12.41 -17.47 -16.67
CA TRP C 110 -11.81 -16.29 -16.05
C TRP C 110 -12.78 -15.11 -15.99
N VAL C 111 -13.84 -15.30 -15.22
CA VAL C 111 -14.74 -14.21 -14.85
C VAL C 111 -14.18 -13.54 -13.62
N ARG C 112 -13.70 -12.32 -13.75
CA ARG C 112 -13.13 -11.57 -12.64
C ARG C 112 -13.99 -10.36 -12.34
N ALA C 113 -14.36 -10.19 -11.07
CA ALA C 113 -15.22 -9.09 -10.67
C ALA C 113 -14.63 -8.41 -9.45
N VAL C 114 -14.92 -7.12 -9.33
CA VAL C 114 -14.46 -6.29 -8.22
C VAL C 114 -15.63 -5.45 -7.72
N GLY C 115 -15.81 -5.40 -6.42
CA GLY C 115 -16.85 -4.58 -5.85
C GLY C 115 -16.49 -3.11 -5.86
N GLY C 116 -17.49 -2.29 -5.57
CA GLY C 116 -17.27 -0.86 -5.52
C GLY C 116 -16.44 -0.45 -4.32
N GLY C 117 -15.91 0.76 -4.39
CA GLY C 117 -15.09 1.31 -3.33
C GLY C 117 -15.85 2.34 -2.53
N GLY C 118 -15.46 2.51 -1.27
CA GLY C 118 -16.10 3.44 -0.36
C GLY C 118 -15.35 4.76 -0.31
N ALA C 119 -16.10 5.84 -0.18
CA ALA C 119 -15.49 7.15 -0.06
C ALA C 119 -14.94 7.36 1.34
N GLY C 120 -14.04 8.32 1.46
CA GLY C 120 -13.46 8.64 2.74
C GLY C 120 -14.33 9.61 3.54
N GLY C 121 -14.08 9.62 4.85
CA GLY C 121 -14.80 10.52 5.71
C GLY C 121 -14.33 11.95 5.59
N ASN C 122 -15.20 12.87 6.00
CA ASN C 122 -14.86 14.29 5.96
C ASN C 122 -14.05 14.68 7.18
N SER C 123 -13.43 15.85 7.10
CA SER C 123 -12.63 16.40 8.18
C SER C 123 -13.13 17.80 8.48
N ASN C 124 -13.36 18.09 9.77
CA ASN C 124 -13.80 19.41 10.16
C ASN C 124 -12.60 20.36 10.24
N THR C 125 -12.86 21.60 10.64
CA THR C 125 -11.80 22.60 10.75
C THR C 125 -11.09 22.51 12.11
N GLY C 126 -10.62 21.32 12.42
CA GLY C 126 -9.90 21.10 13.67
C GLY C 126 -8.49 20.61 13.43
N ASN C 127 -8.14 19.49 14.08
CA ASN C 127 -6.81 18.91 13.92
C ASN C 127 -6.84 17.40 13.66
N SER C 128 -7.88 16.69 14.04
CA SER C 128 -7.92 15.25 13.87
C SER C 128 -8.18 14.89 12.41
N LYS C 129 -7.55 13.80 11.98
CA LYS C 129 -7.63 13.33 10.60
C LYS C 129 -8.87 12.47 10.41
N ALA C 130 -9.29 12.34 9.16
CA ALA C 130 -10.42 11.50 8.81
C ALA C 130 -9.96 10.10 8.43
N SER C 131 -10.85 9.13 8.63
CA SER C 131 -10.55 7.73 8.32
C SER C 131 -10.90 7.46 6.86
N GLY C 132 -9.92 6.97 6.10
CA GLY C 132 -10.17 6.67 4.71
C GLY C 132 -11.12 5.51 4.54
N GLY C 133 -11.90 5.56 3.46
CA GLY C 133 -12.85 4.50 3.19
C GLY C 133 -12.17 3.23 2.75
N GLY C 134 -12.84 2.10 3.02
CA GLY C 134 -12.27 0.82 2.69
C GLY C 134 -12.52 0.45 1.23
N GLY C 135 -11.52 -0.17 0.62
CA GLY C 135 -11.65 -0.60 -0.75
C GLY C 135 -12.56 -1.80 -0.89
N GLY C 136 -13.06 -1.99 -2.11
CA GLY C 136 -13.95 -3.10 -2.37
C GLY C 136 -13.20 -4.40 -2.54
N ALA C 137 -13.89 -5.50 -2.25
CA ALA C 137 -13.32 -6.82 -2.41
C ALA C 137 -13.42 -7.24 -3.88
N GLY C 138 -13.00 -8.47 -4.15
CA GLY C 138 -13.08 -8.97 -5.50
C GLY C 138 -12.88 -10.47 -5.53
N PHE C 139 -13.18 -11.05 -6.69
CA PHE C 139 -13.03 -12.48 -6.85
C PHE C 139 -12.76 -12.78 -8.31
N ASP C 140 -12.32 -14.01 -8.57
CA ASP C 140 -12.24 -14.49 -9.94
C ASP C 140 -12.50 -15.98 -9.99
N ARG C 141 -13.21 -16.39 -11.02
CA ARG C 141 -13.60 -17.78 -11.22
C ARG C 141 -13.17 -18.24 -12.59
N PHE C 142 -13.08 -19.57 -12.75
CA PHE C 142 -12.66 -20.16 -14.00
C PHE C 142 -13.62 -21.28 -14.37
N ASN C 143 -13.79 -21.48 -15.67
CA ASN C 143 -14.58 -22.60 -16.20
C ASN C 143 -16.00 -22.59 -15.64
N VAL C 144 -16.58 -21.40 -15.53
CA VAL C 144 -17.95 -21.28 -15.07
C VAL C 144 -18.90 -21.55 -16.24
N ALA C 145 -19.94 -22.32 -15.98
CA ALA C 145 -20.83 -22.80 -17.03
C ALA C 145 -22.01 -21.84 -17.20
N VAL C 146 -22.29 -21.48 -18.44
CA VAL C 146 -23.39 -20.57 -18.78
C VAL C 146 -24.13 -21.13 -19.97
N THR C 147 -25.46 -21.22 -19.85
CA THR C 147 -26.28 -21.69 -20.96
C THR C 147 -26.31 -20.64 -22.07
N PRO C 148 -26.34 -21.07 -23.34
CA PRO C 148 -26.46 -20.11 -24.43
C PRO C 148 -27.77 -19.34 -24.35
N GLY C 149 -27.72 -18.08 -24.78
CA GLY C 149 -28.85 -17.18 -24.68
C GLY C 149 -28.49 -15.95 -23.87
N SER C 150 -29.44 -15.48 -23.07
CA SER C 150 -29.16 -14.37 -22.18
C SER C 150 -28.42 -14.86 -20.94
N ASN C 151 -27.79 -13.91 -20.25
CA ASN C 151 -27.01 -14.21 -19.06
C ASN C 151 -27.73 -13.74 -17.80
N VAL C 152 -27.34 -14.34 -16.68
CA VAL C 152 -27.72 -13.76 -15.40
C VAL C 152 -27.26 -12.32 -15.35
N PRO C 153 -28.12 -11.38 -14.99
CA PRO C 153 -27.74 -9.96 -15.09
C PRO C 153 -26.61 -9.60 -14.14
N TYR C 154 -25.54 -9.05 -14.71
CA TYR C 154 -24.47 -8.49 -13.91
C TYR C 154 -24.93 -7.17 -13.29
N THR C 155 -24.45 -6.91 -12.08
CA THR C 155 -24.66 -5.61 -11.43
C THR C 155 -23.35 -5.18 -10.81
N VAL C 156 -22.78 -4.09 -11.31
CA VAL C 156 -21.55 -3.56 -10.75
C VAL C 156 -21.88 -2.57 -9.65
N GLY C 157 -20.95 -2.41 -8.72
CA GLY C 157 -21.18 -1.54 -7.58
C GLY C 157 -20.77 -0.11 -7.85
N ALA C 158 -21.70 0.82 -7.70
CA ALA C 158 -21.38 2.23 -7.89
C ALA C 158 -20.42 2.71 -6.82
N ALA C 159 -19.55 3.63 -7.20
CA ALA C 159 -18.58 4.18 -6.27
C ALA C 159 -19.28 4.95 -5.16
N GLY C 160 -18.71 4.88 -3.96
CA GLY C 160 -19.26 5.59 -2.83
C GLY C 160 -19.15 7.08 -3.01
N ALA C 161 -20.28 7.78 -3.10
CA ALA C 161 -20.25 9.22 -3.25
C ALA C 161 -19.76 9.88 -1.96
N VAL C 162 -19.07 11.00 -2.11
CA VAL C 162 -18.55 11.71 -0.96
C VAL C 162 -19.68 12.44 -0.25
N ASN C 163 -19.81 12.22 1.06
CA ASN C 163 -20.75 12.95 1.89
C ASN C 163 -20.15 14.28 2.31
N GLY C 164 -19.69 15.04 1.31
CA GLY C 164 -19.01 16.29 1.55
C GLY C 164 -19.91 17.47 1.80
N LEU C 165 -21.21 17.26 1.92
CA LEU C 165 -22.13 18.37 2.17
C LEU C 165 -21.95 18.99 3.55
N GLY C 166 -21.19 18.35 4.43
CA GLY C 166 -20.91 18.93 5.73
C GLY C 166 -19.65 18.35 6.32
N ALA C 167 -19.10 19.07 7.30
CA ALA C 167 -17.90 18.63 7.99
C ALA C 167 -18.22 17.46 8.91
N GLY C 168 -17.23 16.62 9.13
CA GLY C 168 -17.37 15.51 10.06
C GLY C 168 -18.46 14.53 9.69
N TYR C 169 -18.63 14.24 8.40
CA TYR C 169 -19.61 13.29 7.93
C TYR C 169 -18.91 12.06 7.35
N ASN C 170 -19.39 10.88 7.73
CA ASN C 170 -18.87 9.66 7.17
C ASN C 170 -19.27 9.54 5.69
N GLY C 171 -18.32 9.08 4.88
CA GLY C 171 -18.59 8.93 3.46
C GLY C 171 -19.47 7.74 3.17
N GLY C 172 -20.02 7.74 1.95
CA GLY C 172 -20.85 6.63 1.53
C GLY C 172 -20.05 5.37 1.28
N ALA C 173 -20.76 4.25 1.27
CA ALA C 173 -20.15 2.96 1.03
C ALA C 173 -20.44 2.50 -0.39
N GLY C 174 -19.42 1.98 -1.05
CA GLY C 174 -19.57 1.54 -2.42
C GLY C 174 -20.47 0.34 -2.54
N GLY C 175 -21.10 0.21 -3.70
CA GLY C 175 -22.01 -0.89 -3.94
C GLY C 175 -21.28 -2.20 -4.18
N SER C 176 -22.05 -3.28 -4.10
CA SER C 176 -21.52 -4.62 -4.31
C SER C 176 -21.65 -5.01 -5.76
N THR C 177 -20.78 -5.92 -6.20
CA THR C 177 -20.76 -6.41 -7.56
C THR C 177 -21.16 -7.87 -7.58
N ALA C 178 -22.25 -8.18 -8.26
CA ALA C 178 -22.81 -9.53 -8.23
C ALA C 178 -22.93 -10.09 -9.65
N ILE C 179 -22.56 -11.35 -9.81
CA ILE C 179 -22.74 -12.04 -11.08
C ILE C 179 -22.69 -13.54 -10.83
N LEU C 180 -23.61 -14.27 -11.46
CA LEU C 180 -23.60 -15.73 -11.45
C LEU C 180 -23.59 -16.28 -10.03
N GLY C 181 -24.33 -15.63 -9.14
CA GLY C 181 -24.44 -16.10 -7.77
C GLY C 181 -23.27 -15.77 -6.87
N THR C 182 -22.28 -15.04 -7.36
CA THR C 182 -21.13 -14.65 -6.55
C THR C 182 -21.10 -13.14 -6.43
N THR C 183 -20.91 -12.64 -5.22
CA THR C 183 -20.92 -11.21 -4.94
C THR C 183 -19.64 -10.80 -4.26
N ALA C 184 -19.03 -9.74 -4.75
CA ALA C 184 -17.94 -9.05 -4.08
C ALA C 184 -18.53 -7.79 -3.47
N GLY C 185 -18.70 -7.78 -2.15
CA GLY C 185 -19.30 -6.64 -1.50
C GLY C 185 -18.42 -5.41 -1.59
N GLY C 186 -19.06 -4.26 -1.71
CA GLY C 186 -18.32 -3.02 -1.76
C GLY C 186 -17.71 -2.67 -0.41
N GLY C 187 -16.62 -1.92 -0.45
CA GLY C 187 -16.00 -1.48 0.77
C GLY C 187 -16.87 -0.48 1.52
N ALA C 188 -16.76 -0.51 2.84
CA ALA C 188 -17.50 0.43 3.66
C ALA C 188 -16.93 1.83 3.52
N GLY C 189 -17.75 2.83 3.82
CA GLY C 189 -17.33 4.21 3.74
C GLY C 189 -16.45 4.62 4.89
N GLY C 190 -15.96 5.84 4.81
CA GLY C 190 -15.14 6.40 5.86
C GLY C 190 -15.98 6.76 7.07
N LEU C 191 -15.38 7.54 7.97
CA LEU C 191 -16.04 7.96 9.19
C LEU C 191 -15.87 9.46 9.38
N GLY C 192 -16.97 10.12 9.76
CA GLY C 192 -16.88 11.52 10.12
C GLY C 192 -16.04 11.74 11.35
N VAL C 193 -15.35 12.87 11.40
CA VAL C 193 -14.37 13.14 12.43
C VAL C 193 -14.61 14.53 13.00
N ASN C 194 -14.67 14.61 14.33
CA ASN C 194 -14.77 15.89 15.02
C ASN C 194 -13.36 16.36 15.39
N ASN C 195 -13.27 17.39 16.21
CA ASN C 195 -11.98 17.95 16.58
C ASN C 195 -11.22 17.01 17.51
N ASN C 196 -9.90 16.94 17.31
CA ASN C 196 -8.95 16.20 18.14
C ASN C 196 -9.42 14.81 18.53
N ALA C 197 -10.16 14.15 17.64
CA ALA C 197 -10.58 12.76 17.85
C ALA C 197 -10.57 12.06 16.49
N THR C 198 -9.45 11.41 16.18
CA THR C 198 -9.34 10.66 14.93
C THR C 198 -10.26 9.45 14.96
N ALA C 199 -10.84 9.13 13.81
CA ALA C 199 -11.81 8.05 13.72
C ALA C 199 -11.11 6.69 13.83
N VAL C 200 -11.91 5.64 13.73
CA VAL C 200 -11.42 4.28 13.77
C VAL C 200 -11.51 3.70 12.37
N GLN C 201 -10.75 2.64 12.13
CA GLN C 201 -10.71 2.01 10.82
C GLN C 201 -12.05 1.38 10.47
N VAL C 202 -12.27 1.18 9.18
CA VAL C 202 -13.51 0.58 8.68
C VAL C 202 -13.18 -0.67 7.90
N ASN C 203 -14.12 -1.60 7.87
CA ASN C 203 -13.93 -2.86 7.18
C ASN C 203 -13.93 -2.68 5.68
N GLY C 204 -13.19 -3.54 4.99
CA GLY C 204 -13.22 -3.62 3.54
C GLY C 204 -14.34 -4.52 3.07
N GLY C 205 -14.27 -4.87 1.79
CA GLY C 205 -15.27 -5.73 1.21
C GLY C 205 -15.07 -7.19 1.57
N THR C 206 -16.06 -8.00 1.21
CA THR C 206 -15.99 -9.44 1.40
C THR C 206 -16.48 -10.15 0.15
N THR C 207 -16.64 -11.48 0.25
CA THR C 207 -17.13 -12.28 -0.86
C THR C 207 -18.21 -13.21 -0.34
N SER C 208 -19.32 -13.32 -1.07
CA SER C 208 -20.44 -14.14 -0.65
C SER C 208 -21.03 -14.86 -1.86
N GLY C 209 -21.89 -15.83 -1.57
CA GLY C 209 -22.51 -16.62 -2.61
C GLY C 209 -21.75 -17.91 -2.83
N THR C 210 -21.83 -18.46 -4.03
CA THR C 210 -21.01 -19.62 -4.36
C THR C 210 -19.54 -19.24 -4.23
N THR C 211 -18.78 -20.09 -3.54
CA THR C 211 -17.40 -19.74 -3.23
C THR C 211 -16.58 -19.69 -4.51
N PRO C 212 -15.97 -18.57 -4.83
CA PRO C 212 -15.07 -18.53 -5.99
C PRO C 212 -13.82 -19.33 -5.70
N GLU C 213 -13.16 -19.76 -6.78
CA GLU C 213 -11.91 -20.48 -6.61
C GLU C 213 -10.87 -19.61 -5.91
N ILE C 214 -10.78 -18.34 -6.29
CA ILE C 214 -9.86 -17.41 -5.65
C ILE C 214 -10.58 -16.09 -5.39
N SER C 215 -10.40 -15.54 -4.19
CA SER C 215 -11.05 -14.31 -3.77
C SER C 215 -10.04 -13.42 -3.07
N TYR C 216 -10.08 -12.12 -3.35
CA TYR C 216 -9.23 -11.13 -2.71
C TYR C 216 -10.09 -10.22 -1.87
N PRO C 217 -10.09 -10.36 -0.55
CA PRO C 217 -10.80 -9.38 0.29
C PRO C 217 -10.21 -7.99 0.09
N GLY C 218 -11.09 -7.00 0.10
CA GLY C 218 -10.65 -5.64 -0.18
C GLY C 218 -9.85 -5.05 0.97
N GLY C 219 -8.97 -4.12 0.62
CA GLY C 219 -8.18 -3.43 1.62
C GLY C 219 -9.05 -2.61 2.55
N LEU C 220 -8.91 -2.83 3.85
CA LEU C 220 -9.72 -2.11 4.82
C LEU C 220 -9.23 -0.68 4.97
N GLY C 221 -10.18 0.25 5.12
CA GLY C 221 -9.82 1.63 5.36
C GLY C 221 -9.15 1.80 6.71
N THR C 222 -8.29 2.80 6.80
CA THR C 222 -7.45 2.98 7.96
C THR C 222 -8.06 3.96 8.96
N GLU C 223 -7.50 3.96 10.17
CA GLU C 223 -8.05 4.76 11.25
C GLU C 223 -7.96 6.25 10.99
N GLY C 224 -6.94 6.71 10.28
CA GLY C 224 -6.93 8.10 9.87
C GLY C 224 -5.61 8.84 9.97
N ILE C 225 -4.76 8.48 10.94
CA ILE C 225 -3.46 9.14 11.03
C ILE C 225 -2.66 8.90 9.76
N VAL C 226 -2.56 7.64 9.35
CA VAL C 226 -2.14 7.36 7.98
C VAL C 226 -3.23 7.76 7.00
N GLY C 227 -4.47 7.41 7.30
CA GLY C 227 -5.61 7.88 6.55
C GLY C 227 -5.80 7.27 5.18
N THR C 228 -4.89 6.43 4.73
CA THR C 228 -4.94 5.96 3.35
C THR C 228 -6.17 5.08 3.12
N GLY C 229 -6.80 5.27 1.96
CA GLY C 229 -7.91 4.43 1.58
C GLY C 229 -7.43 3.04 1.19
N GLY C 230 -8.34 2.08 1.30
CA GLY C 230 -7.99 0.70 1.00
C GLY C 230 -7.94 0.43 -0.48
N GLY C 231 -7.14 -0.55 -0.88
CA GLY C 231 -7.02 -0.93 -2.26
C GLY C 231 -7.88 -2.12 -2.61
N SER C 232 -7.83 -2.49 -3.88
CA SER C 232 -8.64 -3.61 -4.36
C SER C 232 -7.83 -4.50 -5.28
N VAL C 233 -8.51 -5.42 -5.96
CA VAL C 233 -7.84 -6.28 -6.94
C VAL C 233 -7.11 -5.44 -7.98
N LEU C 234 -7.80 -4.45 -8.53
CA LEU C 234 -7.31 -3.70 -9.68
C LEU C 234 -6.72 -2.36 -9.29
N SER C 235 -6.74 -2.00 -8.02
CA SER C 235 -6.30 -0.70 -7.55
C SER C 235 -5.23 -0.87 -6.49
N GLN C 236 -4.77 0.26 -5.95
CA GLN C 236 -3.76 0.27 -4.92
C GLN C 236 -4.16 1.24 -3.81
N PRO C 237 -3.66 1.03 -2.61
CA PRO C 237 -4.02 1.94 -1.51
C PRO C 237 -3.56 3.36 -1.78
N THR C 238 -4.51 4.26 -2.00
CA THR C 238 -4.18 5.66 -2.24
C THR C 238 -4.08 6.40 -0.92
N GLN C 239 -3.22 7.41 -0.89
CA GLN C 239 -2.96 8.18 0.32
C GLN C 239 -3.68 9.52 0.27
N ARG C 240 -3.79 10.14 1.44
CA ARG C 240 -4.41 11.45 1.53
C ARG C 240 -3.48 12.51 0.95
N ALA C 241 -4.07 13.60 0.47
CA ALA C 241 -3.33 14.71 -0.09
C ALA C 241 -3.49 15.92 0.83
N PHE C 242 -2.37 16.47 1.29
CA PHE C 242 -2.40 17.62 2.18
C PHE C 242 -2.56 18.88 1.36
N THR C 243 -3.74 19.50 1.45
CA THR C 243 -4.00 20.76 0.76
C THR C 243 -5.02 21.55 1.55
N ASN C 244 -5.08 22.85 1.26
CA ASN C 244 -6.04 23.74 1.89
C ASN C 244 -7.18 24.10 0.94
N ALA C 245 -7.29 23.43 -0.19
CA ALA C 245 -8.34 23.70 -1.17
C ALA C 245 -9.26 22.52 -1.40
N GLY C 246 -9.00 21.37 -0.78
CA GLY C 246 -9.81 20.20 -1.01
C GLY C 246 -9.62 19.60 -2.39
N ASN C 247 -8.36 19.33 -2.75
CA ASN C 247 -8.07 18.77 -4.07
C ASN C 247 -8.73 17.40 -4.25
N ASN C 248 -8.75 16.60 -3.19
CA ASN C 248 -9.55 15.38 -3.14
C ASN C 248 -9.09 14.36 -4.20
N ASN C 249 -7.88 13.88 -4.04
CA ASN C 249 -7.39 12.85 -4.94
C ASN C 249 -8.19 11.57 -4.75
N PRO C 250 -8.84 11.03 -5.77
CA PRO C 250 -9.62 9.82 -5.61
C PRO C 250 -8.75 8.59 -5.72
N ALA C 251 -9.37 7.42 -5.56
CA ALA C 251 -8.65 6.17 -5.71
C ALA C 251 -8.18 6.02 -7.15
N ASN C 252 -7.05 5.33 -7.32
CA ASN C 252 -6.40 5.29 -8.62
C ASN C 252 -7.27 4.59 -9.65
N SER C 253 -7.77 3.39 -9.35
CA SER C 253 -8.52 2.63 -10.33
C SER C 253 -9.68 1.93 -9.64
N TRP C 254 -10.29 0.99 -10.35
CA TRP C 254 -11.54 0.39 -9.93
C TRP C 254 -11.40 -0.30 -8.58
N GLY C 255 -12.44 -0.22 -7.77
CA GLY C 255 -12.48 -0.90 -6.49
C GLY C 255 -11.75 -0.20 -5.38
N GLY C 256 -10.98 0.85 -5.68
CA GLY C 256 -10.24 1.53 -4.64
C GLY C 256 -11.14 2.37 -3.76
N GLY C 257 -10.62 2.70 -2.58
CA GLY C 257 -11.34 3.48 -1.60
C GLY C 257 -10.73 4.87 -1.48
N GLY C 258 -11.60 5.85 -1.18
CA GLY C 258 -11.15 7.20 -0.99
C GLY C 258 -10.22 7.32 0.18
N PRO C 259 -9.22 8.20 0.07
CA PRO C 259 -8.21 8.33 1.12
C PRO C 259 -8.63 9.19 2.31
N GLY C 260 -9.91 9.49 2.46
CA GLY C 260 -10.36 10.23 3.62
C GLY C 260 -9.92 11.69 3.63
N GLY C 261 -10.65 12.52 4.37
CA GLY C 261 -10.31 13.92 4.44
C GLY C 261 -9.17 14.20 5.40
N SER C 262 -8.79 15.48 5.48
CA SER C 262 -7.73 15.92 6.36
C SER C 262 -7.92 17.39 6.68
N ASP C 263 -7.24 17.84 7.72
CA ASP C 263 -7.33 19.24 8.15
C ASP C 263 -6.02 19.71 8.73
N PHE C 264 -5.35 20.61 8.01
CA PHE C 264 -4.17 21.29 8.53
C PHE C 264 -4.27 22.77 8.16
N GLY C 265 -4.03 23.64 9.14
CA GLY C 265 -4.16 25.07 8.89
C GLY C 265 -5.56 25.49 8.48
N GLY C 266 -6.58 24.95 9.15
CA GLY C 266 -7.95 25.28 8.81
C GLY C 266 -8.45 24.66 7.53
N ALA C 267 -7.77 23.64 7.02
CA ALA C 267 -8.19 22.99 5.80
C ALA C 267 -9.47 22.19 6.03
N TRP C 268 -10.23 22.01 4.96
CA TRP C 268 -11.52 21.31 5.00
C TRP C 268 -11.62 20.33 3.84
N GLN C 269 -10.59 19.51 3.67
CA GLN C 269 -10.63 18.53 2.59
C GLN C 269 -11.68 17.47 2.92
N PRO C 270 -12.69 17.28 2.08
CA PRO C 270 -13.74 16.29 2.42
C PRO C 270 -13.26 14.86 2.30
N GLY C 271 -12.34 14.56 1.40
CA GLY C 271 -11.91 13.19 1.23
C GLY C 271 -12.22 12.66 -0.16
N GLY C 272 -11.33 11.83 -0.68
CA GLY C 272 -11.47 11.39 -2.06
C GLY C 272 -12.66 10.48 -2.26
N VAL C 273 -13.17 10.48 -3.48
CA VAL C 273 -14.28 9.61 -3.85
C VAL C 273 -13.73 8.24 -4.23
N GLY C 274 -14.53 7.21 -4.03
CA GLY C 274 -14.17 5.88 -4.44
C GLY C 274 -14.33 5.67 -5.93
N LYS C 275 -14.00 4.47 -6.38
CA LYS C 275 -14.11 4.10 -7.77
C LYS C 275 -15.02 2.88 -7.91
N GLN C 276 -15.87 2.91 -8.93
CA GLN C 276 -16.82 1.82 -9.10
C GLN C 276 -16.10 0.55 -9.54
N GLY C 277 -16.77 -0.58 -9.32
CA GLY C 277 -16.21 -1.85 -9.71
C GLY C 277 -16.60 -2.25 -11.11
N ILE C 278 -15.83 -3.18 -11.68
CA ILE C 278 -16.05 -3.65 -13.04
C ILE C 278 -16.07 -5.16 -13.04
N ILE C 279 -16.61 -5.72 -14.12
CA ILE C 279 -16.64 -7.16 -14.32
C ILE C 279 -15.90 -7.47 -15.61
N ILE C 280 -14.99 -8.44 -15.55
CA ILE C 280 -14.20 -8.82 -16.71
C ILE C 280 -14.51 -10.27 -17.02
N VAL C 281 -14.94 -10.54 -18.26
CA VAL C 281 -15.23 -11.90 -18.66
C VAL C 281 -14.51 -12.20 -19.97
N GLN C 282 -14.23 -13.48 -20.19
CA GLN C 282 -13.54 -13.93 -21.39
C GLN C 282 -14.23 -15.18 -21.91
N TYR C 283 -14.36 -15.28 -23.22
CA TYR C 283 -14.94 -16.50 -23.78
C TYR C 283 -14.52 -16.64 -25.23
N PHE C 284 -14.61 -17.87 -25.73
CA PHE C 284 -14.26 -18.18 -27.10
C PHE C 284 -15.53 -18.23 -27.94
N SER C 285 -15.57 -17.41 -28.99
CA SER C 285 -16.73 -17.38 -29.87
C SER C 285 -16.35 -16.75 -31.18
N ARG C 286 -16.85 -17.31 -32.27
CA ARG C 286 -16.62 -16.71 -33.58
C ARG C 286 -17.39 -15.42 -33.77
N PHE C 287 -18.43 -15.19 -32.96
CA PHE C 287 -19.20 -13.96 -33.07
C PHE C 287 -18.46 -12.80 -32.44
N ALA C 288 -18.83 -11.59 -32.85
CA ALA C 288 -18.25 -10.40 -32.26
C ALA C 288 -18.72 -10.25 -30.81
N PRO C 289 -17.88 -9.69 -29.93
CA PRO C 289 -18.26 -9.48 -28.54
C PRO C 289 -19.39 -8.48 -28.38
N MET D 1 -41.00 -1.68 -17.90
CA MET D 1 -41.49 -2.35 -16.69
C MET D 1 -40.69 -1.83 -15.49
N THR D 2 -41.38 -1.69 -14.35
CA THR D 2 -40.86 -0.92 -13.24
C THR D 2 -39.61 -1.57 -12.66
N ASP D 3 -38.85 -0.78 -11.91
CA ASP D 3 -37.60 -1.25 -11.32
C ASP D 3 -37.72 -1.26 -9.81
N LYS D 4 -37.48 -2.41 -9.21
CA LYS D 4 -37.55 -2.52 -7.77
C LYS D 4 -36.34 -1.82 -7.14
N HIS D 5 -36.57 -1.28 -5.95
CA HIS D 5 -35.53 -0.57 -5.20
C HIS D 5 -35.17 -1.42 -4.00
N TYR D 6 -34.12 -2.22 -4.15
CA TYR D 6 -33.72 -3.13 -3.08
C TYR D 6 -32.68 -2.47 -2.18
N ALA D 7 -32.64 -2.95 -0.94
CA ALA D 7 -31.67 -2.46 0.03
C ALA D 7 -31.15 -3.64 0.82
N ARG D 8 -29.85 -3.62 1.12
CA ARG D 8 -29.21 -4.68 1.89
C ARG D 8 -29.16 -4.25 3.35
N VAL D 9 -30.04 -4.81 4.15
CA VAL D 9 -30.14 -4.46 5.56
C VAL D 9 -29.20 -5.36 6.36
N VAL D 10 -28.35 -4.75 7.17
CA VAL D 10 -27.46 -5.46 8.07
C VAL D 10 -27.68 -4.94 9.48
N ASP D 11 -28.10 -5.82 10.38
CA ASP D 11 -28.30 -5.47 11.79
C ASP D 11 -29.27 -4.29 11.93
N GLY D 12 -30.31 -4.31 11.12
CA GLY D 12 -31.27 -3.21 11.15
C GLY D 12 -30.78 -1.93 10.51
N LEU D 13 -29.63 -1.97 9.84
CA LEU D 13 -29.04 -0.80 9.22
C LEU D 13 -28.89 -1.04 7.72
N VAL D 14 -29.31 -0.07 6.93
CA VAL D 14 -29.15 -0.14 5.48
C VAL D 14 -27.76 0.36 5.13
N VAL D 15 -26.97 -0.49 4.48
CA VAL D 15 -25.60 -0.15 4.10
C VAL D 15 -25.42 0.03 2.61
N GLU D 16 -26.38 -0.38 1.80
CA GLU D 16 -26.23 -0.31 0.35
C GLU D 16 -27.60 -0.46 -0.29
N THR D 17 -27.85 0.33 -1.32
CA THR D 17 -29.11 0.29 -2.05
C THR D 17 -28.85 0.11 -3.53
N LYS D 18 -29.81 -0.50 -4.22
CA LYS D 18 -29.70 -0.74 -5.65
C LYS D 18 -31.09 -0.63 -6.28
N THR D 19 -31.10 -0.40 -7.59
CA THR D 19 -32.34 -0.35 -8.36
C THR D 19 -32.22 -1.33 -9.51
N LEU D 20 -32.99 -2.40 -9.47
CA LEU D 20 -32.85 -3.47 -10.45
C LEU D 20 -34.20 -3.80 -11.07
N PRO D 21 -34.21 -4.22 -12.32
CA PRO D 21 -35.48 -4.65 -12.94
C PRO D 21 -36.10 -5.81 -12.20
N ALA D 22 -37.42 -5.79 -12.11
CA ALA D 22 -38.14 -6.75 -11.27
C ALA D 22 -38.03 -8.19 -11.77
N ASP D 23 -37.68 -8.39 -13.04
CA ASP D 23 -37.61 -9.73 -13.59
C ASP D 23 -36.42 -10.53 -13.08
N PHE D 24 -35.48 -9.89 -12.38
CA PHE D 24 -34.31 -10.61 -11.90
C PHE D 24 -34.72 -11.54 -10.76
N ASN D 25 -33.84 -12.50 -10.48
CA ASN D 25 -33.97 -13.37 -9.33
C ASN D 25 -32.83 -13.07 -8.38
N LEU D 26 -33.18 -12.53 -7.20
CA LEU D 26 -32.15 -12.11 -6.26
C LEU D 26 -31.32 -13.28 -5.78
N ASP D 27 -31.96 -14.42 -5.54
CA ASP D 27 -31.23 -15.60 -5.08
C ASP D 27 -30.26 -16.09 -6.15
N ASP D 28 -30.70 -16.14 -7.41
CA ASP D 28 -29.85 -16.65 -8.47
C ASP D 28 -28.71 -15.70 -8.82
N LEU D 29 -28.74 -14.47 -8.32
CA LEU D 29 -27.72 -13.49 -8.62
C LEU D 29 -26.78 -13.24 -7.45
N PHE D 30 -27.32 -13.14 -6.24
CA PHE D 30 -26.52 -12.85 -5.06
C PHE D 30 -26.18 -14.09 -4.25
N GLY D 31 -26.64 -15.27 -4.66
CA GLY D 31 -26.37 -16.47 -3.92
C GLY D 31 -27.52 -16.85 -2.99
N PRO D 32 -27.28 -17.81 -2.11
CA PRO D 32 -28.35 -18.30 -1.24
C PRO D 32 -28.84 -17.26 -0.25
N ASP D 33 -27.93 -16.67 0.54
CA ASP D 33 -28.28 -15.68 1.55
C ASP D 33 -27.63 -14.36 1.19
N HIS D 34 -28.45 -13.33 1.06
CA HIS D 34 -27.97 -12.03 0.62
C HIS D 34 -28.35 -10.90 1.54
N GLY D 35 -29.53 -10.94 2.14
CA GLY D 35 -30.00 -9.85 2.96
C GLY D 35 -30.64 -8.70 2.22
N TRP D 36 -30.90 -8.85 0.93
CA TRP D 36 -31.54 -7.80 0.14
C TRP D 36 -33.05 -7.91 0.30
N VAL D 37 -33.69 -6.78 0.58
CA VAL D 37 -35.14 -6.72 0.72
C VAL D 37 -35.67 -5.53 -0.04
N GLU D 38 -36.94 -5.62 -0.45
CA GLU D 38 -37.57 -4.51 -1.14
C GLU D 38 -37.74 -3.32 -0.20
N ALA D 39 -37.42 -2.13 -0.70
CA ALA D 39 -37.55 -0.92 0.08
C ALA D 39 -38.16 0.18 -0.76
N PRO D 40 -38.89 1.11 -0.15
CA PRO D 40 -39.42 2.25 -0.90
C PRO D 40 -38.31 3.13 -1.43
N LEU D 41 -38.61 3.83 -2.53
CA LEU D 41 -37.60 4.67 -3.19
C LEU D 41 -37.07 5.76 -2.26
N GLU D 42 -37.84 6.17 -1.26
CA GLU D 42 -37.37 7.19 -0.33
C GLU D 42 -36.22 6.71 0.54
N VAL D 43 -36.02 5.39 0.65
CA VAL D 43 -35.01 4.85 1.54
C VAL D 43 -33.63 5.20 1.00
N GLU D 44 -32.76 5.71 1.86
CA GLU D 44 -31.40 6.04 1.51
C GLU D 44 -30.44 5.18 2.31
N GLN D 45 -29.14 5.35 2.04
CA GLN D 45 -28.11 4.60 2.74
C GLN D 45 -27.95 5.10 4.16
N GLY D 46 -27.81 4.17 5.10
CA GLY D 46 -27.66 4.53 6.49
C GLY D 46 -28.99 4.80 7.17
N TRP D 47 -29.88 3.82 7.14
CA TRP D 47 -31.22 3.96 7.69
C TRP D 47 -31.52 2.81 8.64
N ARG D 48 -32.31 3.11 9.66
CA ARG D 48 -32.74 2.10 10.62
C ARG D 48 -33.73 1.14 9.97
N LYS D 49 -33.79 -0.06 10.53
CA LYS D 49 -34.82 -1.06 10.20
C LYS D 49 -35.52 -1.42 11.49
N VAL D 50 -36.65 -0.77 11.75
CA VAL D 50 -37.46 -1.03 12.95
C VAL D 50 -38.74 -1.71 12.48
N GLY D 51 -38.92 -2.96 12.88
CA GLY D 51 -40.08 -3.71 12.44
C GLY D 51 -40.13 -3.80 10.94
N ALA D 52 -41.33 -3.68 10.38
CA ALA D 52 -41.51 -3.62 8.93
C ALA D 52 -41.54 -2.16 8.48
N LYS D 53 -40.51 -1.42 8.87
CA LYS D 53 -40.45 0.01 8.58
C LYS D 53 -39.00 0.45 8.48
N PHE D 54 -38.72 1.29 7.50
CA PHE D 54 -37.38 1.86 7.32
C PHE D 54 -37.35 3.23 7.99
N ALA D 55 -36.97 3.25 9.25
CA ALA D 55 -36.88 4.51 9.97
C ALA D 55 -35.72 5.35 9.42
N PRO D 56 -35.88 6.66 9.39
CA PRO D 56 -34.77 7.53 8.96
C PRO D 56 -33.62 7.47 9.95
N ALA D 57 -32.46 7.89 9.49
CA ALA D 57 -31.27 7.87 10.32
C ALA D 57 -31.48 8.74 11.55
N PRO D 58 -31.22 8.23 12.76
CA PRO D 58 -31.38 9.06 13.95
C PRO D 58 -30.41 10.23 13.92
N PRO D 59 -30.80 11.38 14.48
CA PRO D 59 -29.90 12.52 14.48
C PRO D 59 -28.68 12.25 15.33
N PRO D 60 -27.53 12.86 15.01
CA PRO D 60 -26.33 12.63 15.81
C PRO D 60 -26.52 13.12 17.24
N GLU D 61 -25.91 12.40 18.17
CA GLU D 61 -26.04 12.73 19.58
C GLU D 61 -25.30 14.02 19.90
N ARG D 62 -25.94 14.89 20.66
CA ARG D 62 -25.32 16.14 21.10
C ARG D 62 -24.69 15.91 22.47
N ASP D 63 -23.35 15.95 22.52
CA ASP D 63 -22.61 15.71 23.75
C ASP D 63 -22.06 17.02 24.29
N PRO D 64 -22.52 17.51 25.44
CA PRO D 64 -21.89 18.69 26.03
C PRO D 64 -20.42 18.49 26.33
N ALA D 65 -20.02 17.28 26.72
CA ALA D 65 -18.60 17.01 26.93
C ALA D 65 -17.80 17.21 25.66
N SER D 66 -18.33 16.77 24.53
CA SER D 66 -17.68 17.01 23.25
C SER D 66 -17.59 18.50 22.96
N ILE D 67 -18.64 19.25 23.29
CA ILE D 67 -18.64 20.69 23.07
C ILE D 67 -17.51 21.34 23.87
N LEU D 68 -17.41 20.99 25.15
CA LEU D 68 -16.35 21.56 25.99
C LEU D 68 -14.98 21.15 25.49
N ALA D 69 -14.82 19.88 25.10
CA ALA D 69 -13.52 19.42 24.60
C ALA D 69 -13.12 20.18 23.35
N GLY D 70 -14.06 20.37 22.41
CA GLY D 70 -13.76 21.13 21.22
C GLY D 70 -13.44 22.58 21.51
N LEU D 71 -14.20 23.18 22.44
CA LEU D 71 -13.93 24.57 22.81
C LEU D 71 -12.52 24.71 23.39
N LYS D 72 -12.14 23.82 24.29
CA LYS D 72 -10.83 23.92 24.92
C LYS D 72 -9.71 23.63 23.92
N ALA D 73 -9.87 22.58 23.11
CA ALA D 73 -8.82 22.24 22.14
C ALA D 73 -8.65 23.33 21.11
N GLU D 74 -9.75 23.95 20.67
CA GLU D 74 -9.66 25.05 19.72
C GLU D 74 -8.86 26.21 20.31
N ALA D 75 -9.04 26.48 21.59
CA ALA D 75 -8.25 27.49 22.29
C ALA D 75 -6.99 26.93 22.92
N SER D 76 -6.71 25.64 22.74
CA SER D 76 -5.52 25.04 23.34
C SER D 76 -4.27 25.36 22.55
N ARG D 77 -4.22 24.95 21.28
CA ARG D 77 -3.06 25.20 20.44
C ARG D 77 -2.94 26.66 20.03
N HIS D 78 -3.96 27.48 20.30
CA HIS D 78 -3.89 28.89 19.93
C HIS D 78 -2.81 29.63 20.70
N ILE D 79 -2.60 29.27 21.98
CA ILE D 79 -1.54 29.91 22.74
C ILE D 79 -0.17 29.59 22.16
N PHE D 80 0.02 28.36 21.66
CA PHE D 80 1.27 28.00 21.02
C PHE D 80 1.36 28.52 19.59
N ALA D 81 0.25 28.90 18.99
CA ALA D 81 0.25 29.46 17.64
C ALA D 81 0.59 30.94 17.64
N THR D 82 -0.11 31.73 18.46
CA THR D 82 0.21 33.15 18.55
C THR D 82 1.61 33.36 19.10
N ILE D 83 1.99 32.57 20.10
CA ILE D 83 3.32 32.63 20.70
C ILE D 83 3.92 31.23 20.61
N SER D 84 5.06 31.11 19.92
CA SER D 84 5.68 29.82 19.75
C SER D 84 6.24 29.30 21.07
N ALA D 85 6.59 28.02 21.08
CA ALA D 85 7.15 27.42 22.29
C ALA D 85 8.48 28.06 22.65
N THR D 86 9.34 28.31 21.65
CA THR D 86 10.60 29.00 21.93
C THR D 86 10.35 30.44 22.36
N ALA D 87 9.36 31.12 21.77
CA ALA D 87 9.01 32.46 22.22
C ALA D 87 8.46 32.43 23.64
N GLN D 88 7.65 31.41 23.96
CA GLN D 88 7.17 31.27 25.32
C GLN D 88 8.33 31.09 26.30
N SER D 89 9.30 30.25 25.93
CA SER D 89 10.47 30.07 26.79
C SER D 89 11.24 31.37 26.95
N ASN D 90 11.39 32.13 25.86
CA ASN D 90 12.09 33.41 25.92
C ASN D 90 11.40 34.36 26.89
N LEU D 91 10.09 34.51 26.76
CA LEU D 91 9.35 35.40 27.64
C LEU D 91 9.43 34.93 29.10
N LEU D 92 9.32 33.62 29.32
CA LEU D 92 9.37 33.11 30.68
C LEU D 92 10.73 33.36 31.32
N LEU D 93 11.80 33.11 30.58
CA LEU D 93 13.14 33.40 31.09
C LEU D 93 13.29 34.88 31.39
N ALA D 94 12.81 35.73 30.47
CA ALA D 94 12.94 37.17 30.67
C ALA D 94 12.22 37.61 31.95
N VAL D 95 10.98 37.18 32.13
CA VAL D 95 10.21 37.60 33.30
C VAL D 95 10.80 37.02 34.56
N GLY D 96 11.28 35.77 34.52
CA GLY D 96 11.87 35.17 35.70
C GLY D 96 13.14 35.86 36.13
N LEU D 97 14.01 36.20 35.18
CA LEU D 97 15.25 36.87 35.53
C LEU D 97 15.01 38.32 35.91
N ALA D 98 14.02 38.97 35.31
CA ALA D 98 13.69 40.33 35.72
C ALA D 98 13.14 40.37 37.14
N SER D 99 12.28 39.41 37.48
CA SER D 99 11.74 39.35 38.84
C SER D 99 12.79 38.96 39.86
N ALA D 100 13.90 38.37 39.41
CA ALA D 100 14.95 37.95 40.33
C ALA D 100 15.65 39.12 41.00
N LYS D 101 15.52 40.33 40.47
CA LYS D 101 16.13 41.52 41.04
C LYS D 101 15.06 42.45 41.59
N ALA D 102 15.50 43.37 42.44
CA ALA D 102 14.56 44.27 43.11
C ALA D 102 13.88 45.19 42.08
N PRO D 103 12.61 45.53 42.30
CA PRO D 103 11.95 46.46 41.38
C PRO D 103 12.64 47.80 41.26
N SER D 104 13.21 48.30 42.36
CA SER D 104 13.96 49.56 42.30
C SER D 104 15.16 49.44 41.37
N ALA D 105 15.86 48.32 41.43
CA ALA D 105 17.03 48.09 40.58
C ALA D 105 16.65 47.60 39.19
N ARG D 106 15.37 47.34 38.94
CA ARG D 106 14.97 46.85 37.63
C ARG D 106 15.13 47.94 36.58
N THR D 107 15.61 47.52 35.40
CA THR D 107 15.80 48.44 34.31
C THR D 107 14.46 48.89 33.75
N PRO D 108 14.40 50.07 33.11
CA PRO D 108 13.13 50.52 32.53
C PRO D 108 12.55 49.53 31.54
N GLU D 109 13.40 48.90 30.72
CA GLU D 109 12.90 47.89 29.80
C GLU D 109 12.39 46.66 30.55
N GLU D 110 13.01 46.33 31.69
CA GLU D 110 12.49 45.24 32.50
C GLU D 110 11.10 45.55 33.03
N ARG D 111 10.89 46.78 33.51
CA ARG D 111 9.58 47.17 33.99
C ARG D 111 8.56 47.16 32.85
N ASP D 112 8.98 47.63 31.67
CA ASP D 112 8.09 47.61 30.51
C ASP D 112 7.70 46.18 30.16
N LEU D 113 8.67 45.26 30.19
CA LEU D 113 8.38 43.87 29.90
C LEU D 113 7.47 43.26 30.96
N LEU D 114 7.66 43.63 32.23
CA LEU D 114 6.78 43.12 33.28
C LEU D 114 5.35 43.59 33.05
N ASN D 115 5.18 44.88 32.71
CA ASN D 115 3.84 45.38 32.40
C ASN D 115 3.25 44.65 31.21
N VAL D 116 4.05 44.47 30.15
CA VAL D 116 3.56 43.81 28.95
C VAL D 116 3.11 42.39 29.27
N ALA D 117 3.88 41.69 30.10
CA ALA D 117 3.46 40.37 30.56
C ALA D 117 2.19 40.44 31.38
N ASP D 118 1.99 41.53 32.14
CA ASP D 118 0.76 41.68 32.90
C ASP D 118 -0.45 41.71 31.98
N GLU D 119 -0.42 42.60 30.98
CA GLU D 119 -1.57 42.62 30.06
C GLU D 119 -1.62 41.35 29.22
N GLY D 120 -0.49 40.71 28.97
CA GLY D 120 -0.52 39.46 28.23
C GLY D 120 -1.26 38.37 28.98
N ARG D 121 -0.97 38.22 30.27
CA ARG D 121 -1.69 37.23 31.06
C ARG D 121 -3.15 37.64 31.23
N ALA D 122 -3.42 38.94 31.33
CA ALA D 122 -4.81 39.39 31.40
C ALA D 122 -5.57 38.99 30.14
N TRP D 123 -4.97 39.21 28.97
CA TRP D 123 -5.60 38.83 27.71
C TRP D 123 -5.79 37.32 27.63
N ILE D 124 -4.78 36.56 28.06
CA ILE D 124 -4.88 35.10 28.00
C ILE D 124 -5.99 34.60 28.90
N ASP D 125 -6.08 35.14 30.12
CA ASP D 125 -7.13 34.72 31.04
C ASP D 125 -8.50 35.12 30.51
N ALA D 126 -8.62 36.30 29.91
CA ALA D 126 -9.89 36.72 29.33
C ALA D 126 -10.30 35.78 28.20
N VAL D 127 -9.35 35.42 27.34
CA VAL D 127 -9.64 34.51 26.24
C VAL D 127 -10.09 33.16 26.78
N ARG D 128 -9.38 32.64 27.78
CA ARG D 128 -9.74 31.36 28.36
C ARG D 128 -11.13 31.39 28.97
N ALA D 129 -11.44 32.46 29.72
CA ALA D 129 -12.76 32.57 30.34
C ALA D 129 -13.85 32.66 29.29
N ARG D 130 -13.63 33.45 28.23
CA ARG D 130 -14.64 33.58 27.20
C ARG D 130 -14.86 32.27 26.47
N VAL D 131 -13.77 31.53 26.18
CA VAL D 131 -13.89 30.23 25.54
C VAL D 131 -14.65 29.26 26.42
N HIS D 132 -14.35 29.25 27.72
CA HIS D 132 -15.06 28.36 28.64
C HIS D 132 -16.54 28.71 28.70
N ALA D 133 -16.86 29.99 28.73
CA ALA D 133 -18.26 30.44 28.76
C ALA D 133 -18.81 30.59 27.35
N LEU D 134 -18.77 29.47 26.61
CA LEU D 134 -19.29 29.43 25.25
C LEU D 134 -20.12 28.19 24.96
N ALA D 135 -20.10 27.18 25.83
CA ALA D 135 -20.90 25.98 25.59
C ALA D 135 -22.38 26.30 25.54
N GLU D 136 -22.85 27.21 26.39
CA GLU D 136 -24.23 27.65 26.34
C GLU D 136 -24.57 28.35 25.03
N HIS D 137 -23.56 28.85 24.31
CA HIS D 137 -23.74 29.47 23.02
C HIS D 137 -23.28 28.62 21.86
N ASP D 138 -22.52 27.56 22.12
CA ASP D 138 -22.08 26.61 21.10
C ASP D 138 -21.27 27.29 19.99
N GLY D 139 -20.47 28.28 20.38
CA GLY D 139 -19.53 28.89 19.44
C GLY D 139 -20.18 29.60 18.27
N VAL D 140 -21.25 30.33 18.52
CA VAL D 140 -21.95 31.06 17.49
C VAL D 140 -21.64 32.54 17.65
N THR D 141 -21.88 33.32 16.60
CA THR D 141 -21.64 34.75 16.66
C THR D 141 -22.44 35.37 17.79
N PRO D 142 -21.82 36.18 18.67
CA PRO D 142 -20.42 36.62 18.67
C PRO D 142 -19.40 35.48 18.84
N LYS D 143 -18.56 35.31 17.84
CA LYS D 143 -17.63 34.18 17.79
C LYS D 143 -16.41 34.58 16.97
N GLY D 144 -15.27 33.96 17.28
CA GLY D 144 -14.06 34.20 16.52
C GLY D 144 -13.28 35.37 17.07
N GLU D 145 -13.42 36.54 16.43
CA GLU D 145 -12.84 37.75 16.98
C GLU D 145 -13.45 38.11 18.33
N ASP D 146 -14.67 37.65 18.60
CA ASP D 146 -15.30 37.83 19.90
C ASP D 146 -14.93 36.72 20.86
N ARG D 147 -14.80 35.49 20.37
CA ARG D 147 -14.21 34.42 21.17
C ARG D 147 -12.76 34.71 21.48
N TRP D 148 -12.02 35.21 20.49
CA TRP D 148 -10.61 35.55 20.63
C TRP D 148 -10.44 37.04 20.37
N PRO D 149 -10.50 37.88 21.39
CA PRO D 149 -10.38 39.32 21.20
C PRO D 149 -8.99 39.71 20.72
N ALA D 150 -8.93 40.85 20.06
CA ALA D 150 -7.68 41.34 19.49
C ALA D 150 -6.69 41.66 20.60
N PRO D 151 -5.49 41.06 20.59
CA PRO D 151 -4.50 41.39 21.62
C PRO D 151 -3.97 42.81 21.45
N SER D 152 -3.48 43.37 22.54
CA SER D 152 -2.97 44.73 22.53
C SER D 152 -1.66 44.82 21.75
N GLU D 153 -1.20 46.05 21.54
CA GLU D 153 0.06 46.28 20.84
C GLU D 153 1.24 45.70 21.61
N ALA D 154 1.13 45.64 22.94
CA ALA D 154 2.20 45.04 23.72
C ALA D 154 2.35 43.56 23.39
N VAL D 155 1.23 42.89 23.12
CA VAL D 155 1.28 41.46 22.79
C VAL D 155 2.05 41.23 21.50
N LEU D 156 1.71 42.00 20.46
CA LEU D 156 2.43 41.85 19.20
C LEU D 156 3.88 42.30 19.33
N GLU D 157 4.15 43.31 20.15
CA GLU D 157 5.53 43.76 20.33
C GLU D 157 6.37 42.67 20.98
N MET D 158 5.86 42.01 22.02
CA MET D 158 6.62 40.95 22.65
C MET D 158 6.71 39.72 21.75
N ALA D 159 5.69 39.48 20.93
CA ALA D 159 5.76 38.39 19.96
C ALA D 159 6.84 38.65 18.93
N ALA D 160 6.98 39.90 18.48
CA ALA D 160 7.97 40.23 17.47
C ALA D 160 9.39 40.22 18.04
N LYS D 161 9.57 40.80 19.22
CA LYS D 161 10.93 40.95 19.76
C LYS D 161 11.50 39.61 20.19
N PHE D 162 10.66 38.69 20.67
CA PHE D 162 11.14 37.38 21.09
C PHE D 162 10.53 36.27 20.25
N MET E 1 23.67 2.61 -38.36
CA MET E 1 22.99 3.85 -38.71
C MET E 1 22.69 4.59 -37.40
N THR E 2 22.55 5.90 -37.48
CA THR E 2 22.45 6.73 -36.28
C THR E 2 21.18 6.38 -35.50
N ASP E 3 21.07 6.96 -34.31
CA ASP E 3 19.90 6.75 -33.46
C ASP E 3 19.38 8.11 -33.02
N LYS E 4 18.10 8.35 -33.27
CA LYS E 4 17.49 9.61 -32.87
C LYS E 4 17.37 9.67 -31.36
N HIS E 5 17.38 10.89 -30.83
CA HIS E 5 17.26 11.14 -29.41
C HIS E 5 15.96 11.92 -29.19
N TYR E 6 14.86 11.19 -29.05
CA TYR E 6 13.57 11.82 -28.90
C TYR E 6 13.33 12.25 -27.45
N ALA E 7 12.47 13.25 -27.30
CA ALA E 7 12.08 13.73 -25.99
C ALA E 7 10.60 14.03 -25.99
N ARG E 8 9.94 13.69 -24.89
CA ARG E 8 8.50 13.89 -24.76
C ARG E 8 8.26 15.22 -24.07
N VAL E 9 7.91 16.24 -24.85
CA VAL E 9 7.65 17.55 -24.31
C VAL E 9 6.23 17.61 -23.77
N VAL E 10 6.09 18.03 -22.52
CA VAL E 10 4.78 18.22 -21.91
C VAL E 10 4.73 19.63 -21.35
N ASP E 11 3.80 20.43 -21.87
CA ASP E 11 3.65 21.83 -21.46
C ASP E 11 4.97 22.58 -21.60
N GLY E 12 5.68 22.33 -22.70
CA GLY E 12 6.95 22.97 -22.91
C GLY E 12 8.05 22.52 -21.98
N LEU E 13 7.90 21.36 -21.35
CA LEU E 13 8.86 20.85 -20.37
C LEU E 13 9.18 19.41 -20.73
N VAL E 14 10.46 19.07 -20.72
CA VAL E 14 10.89 17.71 -21.08
C VAL E 14 10.82 16.83 -19.83
N VAL E 15 10.08 15.73 -19.92
CA VAL E 15 9.91 14.83 -18.79
C VAL E 15 10.51 13.46 -19.01
N GLU E 16 10.91 13.14 -20.23
CA GLU E 16 11.43 11.81 -20.53
C GLU E 16 12.16 11.85 -21.85
N THR E 17 13.31 11.20 -21.91
CA THR E 17 14.12 11.14 -23.11
C THR E 17 14.39 9.68 -23.47
N LYS E 18 14.49 9.41 -24.76
CA LYS E 18 14.76 8.07 -25.25
C LYS E 18 15.74 8.15 -26.42
N THR E 19 16.32 7.00 -26.74
CA THR E 19 17.23 6.89 -27.88
C THR E 19 16.80 5.68 -28.69
N LEU E 20 16.22 5.92 -29.85
CA LEU E 20 15.68 4.85 -30.67
C LEU E 20 16.27 4.92 -32.07
N PRO E 21 16.39 3.79 -32.75
CA PRO E 21 16.85 3.81 -34.15
C PRO E 21 15.89 4.60 -35.03
N ALA E 22 16.47 5.29 -36.01
CA ALA E 22 15.68 6.19 -36.84
C ALA E 22 14.69 5.48 -37.75
N ASP E 23 14.79 4.16 -37.89
CA ASP E 23 13.88 3.43 -38.77
C ASP E 23 12.54 3.15 -38.11
N PHE E 24 12.37 3.45 -36.83
CA PHE E 24 11.10 3.19 -36.17
C PHE E 24 10.06 4.22 -36.63
N ASN E 25 8.80 3.90 -36.38
CA ASN E 25 7.71 4.83 -36.62
C ASN E 25 7.10 5.21 -35.28
N LEU E 26 7.24 6.47 -34.90
CA LEU E 26 6.77 6.92 -33.60
C LEU E 26 5.26 6.78 -33.49
N ASP E 27 4.52 7.08 -34.55
CA ASP E 27 3.07 6.94 -34.50
C ASP E 27 2.66 5.48 -34.36
N ASP E 28 3.32 4.58 -35.09
CA ASP E 28 2.98 3.17 -35.03
C ASP E 28 3.33 2.52 -33.70
N LEU E 29 4.16 3.16 -32.89
CA LEU E 29 4.59 2.61 -31.62
C LEU E 29 3.94 3.26 -30.43
N PHE E 30 3.93 4.59 -30.36
CA PHE E 30 3.37 5.32 -29.22
C PHE E 30 1.91 5.65 -29.40
N GLY E 31 1.30 5.31 -30.54
CA GLY E 31 -0.08 5.62 -30.78
C GLY E 31 -0.25 6.88 -31.61
N PRO E 32 -1.49 7.37 -31.69
CA PRO E 32 -1.76 8.52 -32.56
C PRO E 32 -1.10 9.82 -32.09
N ASP E 33 -1.31 10.18 -30.82
CA ASP E 33 -0.75 11.40 -30.26
C ASP E 33 0.23 11.02 -29.16
N HIS E 34 1.44 11.49 -29.27
CA HIS E 34 2.49 11.09 -28.33
C HIS E 34 3.22 12.27 -27.71
N GLY E 35 3.46 13.33 -28.46
CA GLY E 35 4.23 14.45 -27.97
C GLY E 35 5.73 14.26 -28.03
N TRP E 36 6.21 13.24 -28.73
CA TRP E 36 7.65 13.00 -28.85
C TRP E 36 8.19 13.80 -30.02
N VAL E 37 9.28 14.52 -29.79
CA VAL E 37 9.93 15.30 -30.84
C VAL E 37 11.44 15.03 -30.80
N GLU E 38 12.07 15.16 -31.96
CA GLU E 38 13.51 14.98 -32.03
C GLU E 38 14.23 16.10 -31.30
N ALA E 39 15.23 15.74 -30.49
CA ALA E 39 16.00 16.70 -29.74
C ALA E 39 17.48 16.38 -29.82
N PRO E 40 18.34 17.37 -29.69
CA PRO E 40 19.78 17.11 -29.70
C PRO E 40 20.20 16.31 -28.48
N LEU E 41 21.33 15.61 -28.63
CA LEU E 41 21.82 14.74 -27.57
C LEU E 41 22.13 15.50 -26.29
N GLU E 42 22.45 16.79 -26.40
CA GLU E 42 22.74 17.57 -25.21
C GLU E 42 21.51 17.77 -24.34
N VAL E 43 20.31 17.58 -24.88
CA VAL E 43 19.08 17.82 -24.13
C VAL E 43 18.95 16.76 -23.04
N GLU E 44 18.65 17.21 -21.83
CA GLU E 44 18.46 16.33 -20.69
C GLU E 44 17.02 16.42 -20.21
N GLN E 45 16.70 15.69 -19.14
CA GLN E 45 15.36 15.72 -18.58
C GLN E 45 15.15 17.00 -17.77
N GLY E 46 13.96 17.58 -17.92
CA GLY E 46 13.65 18.79 -17.19
C GLY E 46 14.20 20.04 -17.86
N TRP E 47 13.80 20.26 -19.11
CA TRP E 47 14.31 21.39 -19.89
C TRP E 47 13.18 22.24 -20.43
N ARG E 48 13.39 23.54 -20.40
CA ARG E 48 12.43 24.50 -20.92
C ARG E 48 12.34 24.35 -22.43
N LYS E 49 11.17 24.64 -22.97
CA LYS E 49 10.94 24.59 -24.42
C LYS E 49 10.47 25.96 -24.87
N VAL E 50 11.41 26.82 -25.25
CA VAL E 50 11.11 28.16 -25.76
C VAL E 50 11.18 28.10 -27.28
N GLY E 51 10.05 28.30 -27.94
CA GLY E 51 10.05 28.25 -29.40
C GLY E 51 10.57 26.91 -29.87
N ALA E 52 11.29 26.90 -30.99
CA ALA E 52 11.97 25.69 -31.43
C ALA E 52 13.38 25.63 -30.87
N LYS E 53 13.49 25.94 -29.58
CA LYS E 53 14.74 25.96 -28.84
C LYS E 53 14.53 25.14 -27.58
N PHE E 54 15.54 24.36 -27.21
CA PHE E 54 15.51 23.59 -25.97
C PHE E 54 16.35 24.34 -24.93
N ALA E 55 15.69 25.25 -24.23
CA ALA E 55 16.38 26.00 -23.19
C ALA E 55 16.72 25.09 -22.02
N PRO E 56 17.88 25.30 -21.40
CA PRO E 56 18.24 24.53 -20.20
C PRO E 56 17.33 24.89 -19.03
N ALA E 57 17.36 24.04 -18.02
CA ALA E 57 16.53 24.25 -16.85
C ALA E 57 16.87 25.58 -16.20
N PRO E 58 15.88 26.42 -15.89
CA PRO E 58 16.17 27.68 -15.21
C PRO E 58 16.72 27.42 -13.82
N PRO E 59 17.59 28.28 -13.32
CA PRO E 59 18.14 28.08 -11.98
C PRO E 59 17.05 28.19 -10.93
N PRO E 60 17.19 27.51 -9.80
CA PRO E 60 16.17 27.60 -8.75
C PRO E 60 16.06 29.01 -8.20
N GLU E 61 14.84 29.39 -7.84
CA GLU E 61 14.58 30.73 -7.32
C GLU E 61 15.19 30.89 -5.94
N ARG E 62 15.85 32.04 -5.72
CA ARG E 62 16.45 32.35 -4.42
C ARG E 62 15.45 33.19 -3.62
N ASP E 63 14.90 32.61 -2.56
CA ASP E 63 13.92 33.29 -1.72
C ASP E 63 14.55 33.71 -0.40
N PRO E 64 14.71 35.01 -0.13
CA PRO E 64 15.18 35.42 1.20
C PRO E 64 14.27 34.95 2.32
N ALA E 65 12.96 34.89 2.08
CA ALA E 65 12.04 34.38 3.09
C ALA E 65 12.35 32.93 3.42
N SER E 66 12.66 32.13 2.40
CA SER E 66 13.08 30.74 2.65
C SER E 66 14.38 30.71 3.44
N ILE E 67 15.30 31.63 3.14
CA ILE E 67 16.57 31.68 3.87
C ILE E 67 16.30 31.93 5.35
N LEU E 68 15.45 32.92 5.66
CA LEU E 68 15.13 33.22 7.05
C LEU E 68 14.42 32.06 7.72
N ALA E 69 13.48 31.42 7.00
CA ALA E 69 12.77 30.29 7.59
C ALA E 69 13.71 29.15 7.92
N GLY E 70 14.64 28.84 7.00
CA GLY E 70 15.61 27.80 7.27
C GLY E 70 16.55 28.16 8.42
N LEU E 71 16.97 29.43 8.47
CA LEU E 71 17.84 29.87 9.56
C LEU E 71 17.15 29.71 10.90
N LYS E 72 15.88 30.12 10.98
CA LYS E 72 15.17 30.03 12.26
C LYS E 72 14.88 28.59 12.63
N ALA E 73 14.40 27.78 11.68
CA ALA E 73 14.10 26.39 11.97
C ALA E 73 15.35 25.62 12.39
N GLU E 74 16.49 25.95 11.77
CA GLU E 74 17.74 25.33 12.17
C GLU E 74 18.07 25.68 13.62
N ALA E 75 17.82 26.92 14.01
CA ALA E 75 18.03 27.36 15.39
C ALA E 75 16.78 27.20 16.26
N SER E 76 15.71 26.64 15.72
CA SER E 76 14.48 26.49 16.51
C SER E 76 14.57 25.28 17.44
N ARG E 77 14.74 24.09 16.86
CA ARG E 77 14.82 22.88 17.66
C ARG E 77 16.13 22.75 18.42
N HIS E 78 17.11 23.62 18.14
CA HIS E 78 18.38 23.54 18.86
C HIS E 78 18.23 23.84 20.34
N ILE E 79 17.34 24.77 20.69
CA ILE E 79 17.12 25.07 22.10
C ILE E 79 16.54 23.87 22.83
N PHE E 80 15.66 23.11 22.16
CA PHE E 80 15.12 21.90 22.77
C PHE E 80 16.08 20.72 22.70
N ALA E 81 17.08 20.79 21.82
CA ALA E 81 18.07 19.72 21.74
C ALA E 81 19.14 19.87 22.80
N THR E 82 19.71 21.07 22.93
CA THR E 82 20.69 21.30 23.98
C THR E 82 20.07 21.14 25.36
N ILE E 83 18.86 21.66 25.55
CA ILE E 83 18.13 21.53 26.80
C ILE E 83 16.76 20.93 26.49
N SER E 84 16.48 19.78 27.10
CA SER E 84 15.23 19.10 26.83
C SER E 84 14.05 19.87 27.40
N ALA E 85 12.84 19.48 26.97
CA ALA E 85 11.63 20.14 27.44
C ALA E 85 11.45 19.94 28.95
N THR E 86 11.69 18.71 29.44
CA THR E 86 11.60 18.48 30.88
C THR E 86 12.69 19.24 31.64
N ALA E 87 13.90 19.30 31.09
CA ALA E 87 14.95 20.11 31.70
C ALA E 87 14.57 21.59 31.66
N GLN E 88 13.95 22.04 30.57
CA GLN E 88 13.49 23.42 30.50
C GLN E 88 12.47 23.71 31.59
N SER E 89 11.50 22.81 31.77
CA SER E 89 10.50 23.02 32.82
C SER E 89 11.15 23.03 34.19
N ASN E 90 12.10 22.12 34.42
CA ASN E 90 12.81 22.09 35.70
C ASN E 90 13.51 23.42 35.97
N LEU E 91 14.25 23.92 34.98
CA LEU E 91 14.97 25.18 35.16
C LEU E 91 14.01 26.34 35.39
N LEU E 92 12.92 26.39 34.62
CA LEU E 92 11.99 27.50 34.76
C LEU E 92 11.33 27.50 36.14
N LEU E 93 10.86 26.34 36.59
CA LEU E 93 10.25 26.29 37.92
C LEU E 93 11.26 26.66 39.00
N ALA E 94 12.48 26.13 38.88
CA ALA E 94 13.50 26.43 39.87
C ALA E 94 13.79 27.92 39.94
N VAL E 95 14.02 28.55 38.79
CA VAL E 95 14.36 29.96 38.79
C VAL E 95 13.19 30.82 39.26
N GLY E 96 11.96 30.45 38.85
CA GLY E 96 10.81 31.22 39.26
C GLY E 96 10.58 31.17 40.76
N LEU E 97 10.63 29.97 41.35
CA LEU E 97 10.38 29.88 42.77
C LEU E 97 11.57 30.36 43.59
N ALA E 98 12.77 30.32 43.02
CA ALA E 98 13.92 30.95 43.68
C ALA E 98 13.74 32.47 43.72
N SER E 99 13.25 33.06 42.62
CA SER E 99 12.98 34.49 42.62
C SER E 99 11.80 34.86 43.51
N ALA E 100 10.98 33.88 43.89
CA ALA E 100 9.82 34.17 44.73
C ALA E 100 10.20 34.63 46.13
N LYS E 101 11.42 34.36 46.56
CA LYS E 101 11.90 34.77 47.87
C LYS E 101 12.90 35.91 47.71
N ALA E 102 13.14 36.62 48.81
CA ALA E 102 14.00 37.78 48.77
C ALA E 102 15.44 37.37 48.43
N PRO E 103 16.16 38.20 47.67
CA PRO E 103 17.56 37.86 47.36
C PRO E 103 18.43 37.70 48.59
N SER E 104 18.16 38.47 49.66
CA SER E 104 18.93 38.34 50.88
C SER E 104 18.78 36.95 51.50
N ALA E 105 17.56 36.43 51.52
CA ALA E 105 17.27 35.13 52.09
C ALA E 105 17.53 33.99 51.12
N ARG E 106 17.91 34.29 49.88
CA ARG E 106 18.14 33.24 48.90
C ARG E 106 19.37 32.43 49.28
N THR E 107 19.26 31.11 49.12
CA THR E 107 20.36 30.23 49.45
C THR E 107 21.53 30.46 48.48
N PRO E 108 22.76 30.15 48.90
CA PRO E 108 23.90 30.35 47.99
C PRO E 108 23.75 29.62 46.67
N GLU E 109 23.21 28.40 46.70
CA GLU E 109 22.96 27.69 45.45
C GLU E 109 21.90 28.41 44.62
N GLU E 110 20.94 29.08 45.28
CA GLU E 110 19.94 29.83 44.54
C GLU E 110 20.58 30.98 43.77
N ARG E 111 21.50 31.72 44.42
CA ARG E 111 22.22 32.76 43.70
C ARG E 111 23.08 32.17 42.59
N ASP E 112 23.70 31.02 42.85
CA ASP E 112 24.53 30.38 41.84
C ASP E 112 23.71 30.03 40.61
N LEU E 113 22.53 29.45 40.81
CA LEU E 113 21.68 29.08 39.68
C LEU E 113 21.09 30.31 39.02
N LEU E 114 20.80 31.37 39.78
CA LEU E 114 20.35 32.61 39.16
C LEU E 114 21.41 33.17 38.23
N ASN E 115 22.66 33.20 38.70
CA ASN E 115 23.75 33.66 37.83
C ASN E 115 23.87 32.76 36.61
N VAL E 116 23.84 31.44 36.81
CA VAL E 116 23.98 30.51 35.71
C VAL E 116 22.88 30.73 34.68
N ALA E 117 21.65 30.95 35.15
CA ALA E 117 20.56 31.30 34.24
C ALA E 117 20.83 32.63 33.54
N ASP E 118 21.50 33.55 34.21
CA ASP E 118 21.86 34.82 33.57
C ASP E 118 22.77 34.59 32.37
N GLU E 119 23.86 33.85 32.57
CA GLU E 119 24.73 33.59 31.43
C GLU E 119 24.04 32.70 30.40
N GLY E 120 23.14 31.82 30.82
CA GLY E 120 22.41 31.02 29.86
C GLY E 120 21.53 31.87 28.97
N ARG E 121 20.83 32.84 29.55
CA ARG E 121 20.06 33.78 28.76
C ARG E 121 20.95 34.60 27.84
N ALA E 122 22.11 35.02 28.35
CA ALA E 122 23.04 35.77 27.50
C ALA E 122 23.48 34.95 26.31
N TRP E 123 23.83 33.69 26.53
CA TRP E 123 24.25 32.81 25.44
C TRP E 123 23.12 32.59 24.44
N ILE E 124 21.90 32.36 24.94
CA ILE E 124 20.77 32.11 24.06
C ILE E 124 20.49 33.35 23.21
N ASP E 125 20.50 34.53 23.83
CA ASP E 125 20.26 35.75 23.09
C ASP E 125 21.35 35.99 22.05
N ALA E 126 22.60 35.74 22.41
CA ALA E 126 23.69 35.91 21.45
C ALA E 126 23.53 34.97 20.27
N VAL E 127 23.19 33.70 20.54
CA VAL E 127 22.99 32.74 19.46
C VAL E 127 21.85 33.19 18.55
N ARG E 128 20.74 33.64 19.15
CA ARG E 128 19.61 34.09 18.36
C ARG E 128 19.97 35.30 17.50
N ALA E 129 20.68 36.27 18.09
CA ALA E 129 21.06 37.46 17.33
C ALA E 129 21.98 37.09 16.17
N ARG E 130 22.93 36.18 16.42
CA ARG E 130 23.82 35.76 15.35
C ARG E 130 23.06 35.04 14.24
N VAL E 131 22.06 34.23 14.60
CA VAL E 131 21.26 33.54 13.59
C VAL E 131 20.44 34.52 12.77
N HIS E 132 19.90 35.56 13.42
CA HIS E 132 19.26 36.63 12.66
C HIS E 132 20.24 37.30 11.71
N ALA E 133 21.45 37.58 12.19
CA ALA E 133 22.46 38.27 11.38
C ALA E 133 23.26 37.26 10.56
N LEU E 134 22.53 36.47 9.76
CA LEU E 134 23.16 35.49 8.88
C LEU E 134 22.57 35.43 7.48
N ALA E 135 21.38 36.00 7.25
CA ALA E 135 20.81 35.96 5.91
C ALA E 135 21.70 36.67 4.89
N GLU E 136 22.34 37.75 5.30
CA GLU E 136 23.29 38.43 4.42
C GLU E 136 24.51 37.57 4.12
N HIS E 137 24.77 36.56 4.94
CA HIS E 137 25.90 35.66 4.72
C HIS E 137 25.46 34.28 4.22
N ASP E 138 24.18 33.94 4.33
CA ASP E 138 23.64 32.68 3.81
C ASP E 138 24.31 31.47 4.44
N GLY E 139 24.63 31.56 5.72
CA GLY E 139 25.11 30.41 6.47
C GLY E 139 26.43 29.85 5.99
N VAL E 140 27.38 30.71 5.65
CA VAL E 140 28.69 30.28 5.19
C VAL E 140 29.68 30.53 6.31
N THR E 141 30.84 29.85 6.22
CA THR E 141 31.88 30.04 7.22
C THR E 141 32.29 31.50 7.27
N PRO E 142 32.33 32.13 8.47
CA PRO E 142 32.11 31.56 9.80
C PRO E 142 30.68 31.05 10.03
N LYS E 143 30.58 29.74 10.29
CA LYS E 143 29.29 29.06 10.37
C LYS E 143 29.44 27.84 11.27
N GLY E 144 28.35 27.46 11.92
CA GLY E 144 28.34 26.28 12.77
C GLY E 144 28.76 26.60 14.18
N GLU E 145 30.04 26.35 14.50
CA GLU E 145 30.56 26.75 15.80
C GLU E 145 30.55 28.26 15.95
N ASP E 146 30.56 29.00 14.84
CA ASP E 146 30.46 30.44 14.86
C ASP E 146 29.00 30.91 14.87
N ARG E 147 28.13 30.21 14.14
CA ARG E 147 26.70 30.45 14.27
C ARG E 147 26.22 30.05 15.67
N TRP E 148 26.72 28.94 16.19
CA TRP E 148 26.38 28.45 17.52
C TRP E 148 27.65 28.38 18.36
N PRO E 149 27.97 29.44 19.09
CA PRO E 149 29.18 29.44 19.92
C PRO E 149 29.07 28.45 21.06
N ALA E 150 30.22 28.01 21.52
CA ALA E 150 30.29 27.02 22.59
C ALA E 150 29.70 27.58 23.88
N PRO E 151 28.72 26.92 24.49
CA PRO E 151 28.17 27.41 25.75
C PRO E 151 29.19 27.28 26.87
N SER E 152 29.01 28.12 27.89
CA SER E 152 29.93 28.14 29.02
C SER E 152 29.78 26.88 29.86
N GLU E 153 30.70 26.71 30.81
CA GLU E 153 30.64 25.57 31.71
C GLU E 153 29.38 25.59 32.57
N ALA E 154 28.87 26.79 32.86
CA ALA E 154 27.62 26.88 33.62
C ALA E 154 26.47 26.26 32.82
N VAL E 155 26.47 26.43 31.50
CA VAL E 155 25.42 25.88 30.67
C VAL E 155 25.41 24.36 30.76
N LEU E 156 26.58 23.75 30.59
CA LEU E 156 26.65 22.29 30.69
C LEU E 156 26.35 21.82 32.10
N GLU E 157 26.75 22.59 33.11
CA GLU E 157 26.46 22.21 34.49
C GLU E 157 24.96 22.19 34.75
N MET E 158 24.25 23.21 34.28
CA MET E 158 22.80 23.23 34.49
C MET E 158 22.10 22.20 33.63
N ALA E 159 22.65 21.90 32.45
CA ALA E 159 22.10 20.81 31.65
C ALA E 159 22.26 19.48 32.36
N ALA E 160 23.39 19.26 33.02
CA ALA E 160 23.63 17.99 33.69
C ALA E 160 22.81 17.87 34.97
N LYS E 161 22.70 18.96 35.74
CA LYS E 161 22.03 18.84 37.03
C LYS E 161 20.53 18.61 36.87
N PHE E 162 19.92 19.19 35.86
CA PHE E 162 18.48 19.03 35.65
C PHE E 162 18.18 18.37 34.31
N MET F 1 5.60 -44.11 8.41
CA MET F 1 7.04 -43.89 8.42
C MET F 1 7.28 -42.48 8.97
N THR F 2 8.47 -42.27 9.52
CA THR F 2 8.75 -41.05 10.27
C THR F 2 8.68 -39.82 9.37
N ASP F 3 8.78 -38.65 9.99
CA ASP F 3 8.77 -37.38 9.28
C ASP F 3 9.98 -36.58 9.68
N LYS F 4 10.79 -36.19 8.70
CA LYS F 4 11.99 -35.43 8.99
C LYS F 4 11.62 -33.99 9.34
N HIS F 5 12.35 -33.44 10.30
CA HIS F 5 12.15 -32.06 10.75
C HIS F 5 13.30 -31.23 10.21
N TYR F 6 13.04 -30.52 9.12
CA TYR F 6 14.08 -29.74 8.47
C TYR F 6 14.03 -28.29 8.95
N ALA F 7 15.19 -27.64 8.90
CA ALA F 7 15.30 -26.24 9.25
C ALA F 7 16.17 -25.54 8.23
N ARG F 8 15.79 -24.32 7.86
CA ARG F 8 16.54 -23.53 6.90
C ARG F 8 17.46 -22.60 7.67
N VAL F 9 18.73 -22.96 7.75
CA VAL F 9 19.72 -22.17 8.48
C VAL F 9 20.28 -21.10 7.55
N VAL F 10 20.24 -19.85 7.98
CA VAL F 10 20.82 -18.74 7.25
C VAL F 10 21.76 -18.01 8.19
N ASP F 11 23.04 -17.94 7.81
CA ASP F 11 24.06 -17.26 8.58
C ASP F 11 24.12 -17.78 10.01
N GLY F 12 24.00 -19.10 10.16
CA GLY F 12 24.03 -19.71 11.47
C GLY F 12 22.75 -19.52 12.26
N LEU F 13 21.69 -19.04 11.63
CA LEU F 13 20.44 -18.75 12.32
C LEU F 13 19.31 -19.54 11.67
N VAL F 14 18.49 -20.18 12.49
CA VAL F 14 17.32 -20.89 11.98
C VAL F 14 16.19 -19.88 11.83
N VAL F 15 15.62 -19.81 10.64
CA VAL F 15 14.57 -18.83 10.35
C VAL F 15 13.25 -19.50 10.00
N GLU F 16 13.23 -20.79 9.73
CA GLU F 16 12.01 -21.45 9.32
C GLU F 16 12.18 -22.96 9.50
N THR F 17 11.17 -23.62 10.04
CA THR F 17 11.20 -25.06 10.26
C THR F 17 10.02 -25.70 9.55
N LYS F 18 10.23 -26.91 9.05
CA LYS F 18 9.18 -27.66 8.37
C LYS F 18 9.27 -29.11 8.78
N THR F 19 8.16 -29.82 8.63
CA THR F 19 8.09 -31.25 8.91
C THR F 19 7.58 -31.94 7.66
N LEU F 20 8.43 -32.73 7.02
CA LEU F 20 8.07 -33.33 5.75
C LEU F 20 8.36 -34.82 5.77
N PRO F 21 7.58 -35.61 5.04
CA PRO F 21 7.88 -37.04 4.93
C PRO F 21 9.26 -37.26 4.34
N ALA F 22 9.95 -38.27 4.89
CA ALA F 22 11.35 -38.51 4.54
C ALA F 22 11.54 -38.95 3.10
N ASP F 23 10.49 -39.42 2.43
CA ASP F 23 10.61 -39.88 1.06
C ASP F 23 10.77 -38.75 0.06
N PHE F 24 10.60 -37.51 0.48
CA PHE F 24 10.73 -36.40 -0.45
C PHE F 24 12.20 -36.19 -0.81
N ASN F 25 12.43 -35.47 -1.91
CA ASN F 25 13.76 -35.06 -2.31
C ASN F 25 13.85 -33.55 -2.17
N LEU F 26 14.70 -33.08 -1.25
CA LEU F 26 14.79 -31.66 -0.98
C LEU F 26 15.28 -30.90 -2.19
N ASP F 27 16.24 -31.46 -2.92
CA ASP F 27 16.73 -30.79 -4.12
C ASP F 27 15.65 -30.68 -5.18
N ASP F 28 14.89 -31.75 -5.39
CA ASP F 28 13.86 -31.74 -6.42
C ASP F 28 12.68 -30.85 -6.06
N LEU F 29 12.57 -30.41 -4.82
CA LEU F 29 11.46 -29.58 -4.39
C LEU F 29 11.85 -28.13 -4.19
N PHE F 30 12.93 -27.87 -3.46
CA PHE F 30 13.35 -26.51 -3.15
C PHE F 30 14.34 -25.94 -4.16
N GLY F 31 14.69 -26.71 -5.19
CA GLY F 31 15.65 -26.25 -6.17
C GLY F 31 17.05 -26.73 -5.87
N PRO F 32 18.03 -26.20 -6.59
CA PRO F 32 19.41 -26.67 -6.43
C PRO F 32 20.00 -26.33 -5.08
N ASP F 33 19.93 -25.07 -4.68
CA ASP F 33 20.49 -24.61 -3.41
C ASP F 33 19.36 -24.12 -2.52
N HIS F 34 19.26 -24.68 -1.34
CA HIS F 34 18.14 -24.38 -0.46
C HIS F 34 18.58 -23.96 0.94
N GLY F 35 19.62 -24.58 1.49
CA GLY F 35 20.02 -24.32 2.85
C GLY F 35 19.25 -25.07 3.89
N TRP F 36 18.42 -26.04 3.50
CA TRP F 36 17.66 -26.84 4.45
C TRP F 36 18.51 -27.99 4.94
N VAL F 37 18.52 -28.20 6.26
CA VAL F 37 19.26 -29.29 6.87
C VAL F 37 18.38 -29.98 7.90
N GLU F 38 18.65 -31.26 8.12
CA GLU F 38 17.93 -32.02 9.14
C GLU F 38 18.24 -31.46 10.51
N ALA F 39 17.22 -31.30 11.34
CA ALA F 39 17.38 -30.79 12.69
C ALA F 39 16.53 -31.59 13.66
N PRO F 40 16.95 -31.71 14.91
CA PRO F 40 16.13 -32.39 15.91
C PRO F 40 14.84 -31.63 16.18
N LEU F 41 13.84 -32.38 16.63
CA LEU F 41 12.51 -31.80 16.86
C LEU F 41 12.54 -30.67 17.88
N GLU F 42 13.49 -30.69 18.81
CA GLU F 42 13.58 -29.64 19.81
C GLU F 42 13.96 -28.30 19.21
N VAL F 43 14.50 -28.29 17.99
CA VAL F 43 14.94 -27.04 17.37
C VAL F 43 13.72 -26.19 17.05
N GLU F 44 13.77 -24.92 17.44
CA GLU F 44 12.70 -23.99 17.17
C GLU F 44 13.21 -22.86 16.28
N GLN F 45 12.32 -21.96 15.90
CA GLN F 45 12.70 -20.84 15.06
C GLN F 45 13.50 -19.81 15.84
N GLY F 46 14.58 -19.33 15.24
CA GLY F 46 15.43 -18.36 15.90
C GLY F 46 16.47 -19.01 16.79
N TRP F 47 17.31 -19.86 16.21
CA TRP F 47 18.31 -20.61 16.96
C TRP F 47 19.68 -20.48 16.30
N ARG F 48 20.71 -20.48 17.13
CA ARG F 48 22.08 -20.48 16.65
C ARG F 48 22.42 -21.80 15.97
N LYS F 49 23.33 -21.73 15.01
CA LYS F 49 23.92 -22.90 14.38
C LYS F 49 25.43 -22.82 14.60
N VAL F 50 25.89 -23.41 15.69
CA VAL F 50 27.30 -23.41 16.07
C VAL F 50 27.88 -24.75 15.64
N GLY F 51 28.66 -24.75 14.56
CA GLY F 51 29.20 -25.98 14.04
C GLY F 51 28.09 -26.96 13.69
N ALA F 52 28.28 -28.21 14.10
CA ALA F 52 27.24 -29.23 13.96
C ALA F 52 26.38 -29.30 15.22
N LYS F 53 25.84 -28.17 15.63
CA LYS F 53 25.06 -28.10 16.85
C LYS F 53 24.07 -26.94 16.75
N PHE F 54 22.85 -27.16 17.23
CA PHE F 54 21.82 -26.13 17.23
C PHE F 54 21.72 -25.55 18.63
N ALA F 55 22.47 -24.48 18.88
CA ALA F 55 22.41 -23.83 20.17
C ALA F 55 21.09 -23.08 20.33
N PRO F 56 20.54 -23.03 21.53
CA PRO F 56 19.31 -22.26 21.77
C PRO F 56 19.56 -20.77 21.58
N ALA F 57 18.47 -20.03 21.46
CA ALA F 57 18.56 -18.60 21.25
C ALA F 57 19.29 -17.94 22.41
N PRO F 58 20.31 -17.11 22.15
CA PRO F 58 20.99 -16.44 23.24
C PRO F 58 20.06 -15.48 23.95
N PRO F 59 20.24 -15.28 25.26
CA PRO F 59 19.35 -14.38 25.98
C PRO F 59 19.54 -12.95 25.51
N PRO F 60 18.49 -12.12 25.59
CA PRO F 60 18.63 -10.73 25.15
C PRO F 60 19.65 -9.97 25.98
N GLU F 61 20.36 -9.06 25.33
CA GLU F 61 21.39 -8.28 25.99
C GLU F 61 20.76 -7.30 26.97
N ARG F 62 21.32 -7.23 28.17
CA ARG F 62 20.84 -6.30 29.21
C ARG F 62 21.67 -5.02 29.12
N ASP F 63 21.03 -3.93 28.73
CA ASP F 63 21.70 -2.64 28.59
C ASP F 63 21.29 -1.71 29.72
N PRO F 64 22.20 -1.36 30.64
CA PRO F 64 21.85 -0.35 31.65
C PRO F 64 21.48 1.00 31.05
N ALA F 65 22.09 1.36 29.92
CA ALA F 65 21.70 2.59 29.24
C ALA F 65 20.24 2.54 28.80
N SER F 66 19.81 1.39 28.27
CA SER F 66 18.41 1.23 27.91
C SER F 66 17.52 1.32 29.14
N ILE F 67 17.97 0.75 30.27
CA ILE F 67 17.20 0.83 31.50
C ILE F 67 17.00 2.27 31.92
N LEU F 68 18.08 3.06 31.91
CA LEU F 68 17.97 4.48 32.27
C LEU F 68 17.08 5.23 31.29
N ALA F 69 17.22 4.95 29.99
CA ALA F 69 16.39 5.63 29.00
C ALA F 69 14.91 5.33 29.22
N GLY F 70 14.58 4.07 29.47
CA GLY F 70 13.20 3.71 29.74
C GLY F 70 12.68 4.33 31.02
N LEU F 71 13.50 4.35 32.06
CA LEU F 71 13.09 4.97 33.32
C LEU F 71 12.80 6.46 33.12
N LYS F 72 13.66 7.16 32.38
CA LYS F 72 13.44 8.57 32.16
C LYS F 72 12.22 8.82 31.28
N ALA F 73 12.07 8.04 30.19
CA ALA F 73 10.94 8.24 29.30
C ALA F 73 9.62 7.96 29.99
N GLU F 74 9.59 6.93 30.85
CA GLU F 74 8.37 6.64 31.60
C GLU F 74 7.99 7.81 32.49
N ALA F 75 8.97 8.46 33.11
CA ALA F 75 8.74 9.65 33.91
C ALA F 75 8.84 10.94 33.10
N SER F 76 9.08 10.85 31.79
CA SER F 76 9.20 12.06 30.97
C SER F 76 7.84 12.65 30.64
N ARG F 77 7.00 11.88 29.95
CA ARG F 77 5.67 12.35 29.59
C ARG F 77 4.71 12.38 30.77
N HIS F 78 5.11 11.84 31.92
CA HIS F 78 4.24 11.86 33.09
C HIS F 78 4.00 13.28 33.58
N ILE F 79 5.01 14.15 33.48
CA ILE F 79 4.83 15.54 33.91
C ILE F 79 3.80 16.24 33.04
N PHE F 80 3.79 15.96 31.73
CA PHE F 80 2.80 16.54 30.85
C PHE F 80 1.45 15.86 30.97
N ALA F 81 1.41 14.61 31.44
CA ALA F 81 0.14 13.93 31.62
C ALA F 81 -0.58 14.41 32.87
N THR F 82 0.13 14.47 34.00
CA THR F 82 -0.48 14.98 35.23
C THR F 82 -0.87 16.44 35.08
N ILE F 83 0.00 17.25 34.48
CA ILE F 83 -0.26 18.66 34.23
C ILE F 83 -0.03 18.91 32.74
N SER F 84 -1.08 19.38 32.06
CA SER F 84 -0.99 19.58 30.62
C SER F 84 -0.05 20.74 30.30
N ALA F 85 0.33 20.83 29.02
CA ALA F 85 1.21 21.90 28.59
C ALA F 85 0.57 23.26 28.78
N THR F 86 -0.73 23.38 28.44
CA THR F 86 -1.41 24.65 28.66
C THR F 86 -1.52 24.98 30.14
N ALA F 87 -1.79 23.98 30.98
CA ALA F 87 -1.81 24.22 32.41
C ALA F 87 -0.42 24.57 32.93
N GLN F 88 0.61 23.92 32.38
CA GLN F 88 1.98 24.26 32.77
C GLN F 88 2.27 25.72 32.45
N SER F 89 1.92 26.16 31.24
CA SER F 89 2.14 27.55 30.86
C SER F 89 1.35 28.50 31.75
N ASN F 90 0.10 28.13 32.07
CA ASN F 90 -0.73 28.97 32.92
C ASN F 90 -0.08 29.15 34.29
N LEU F 91 0.35 28.06 34.92
CA LEU F 91 0.99 28.15 36.22
C LEU F 91 2.29 28.93 36.14
N LEU F 92 3.07 28.71 35.08
CA LEU F 92 4.35 29.42 34.98
C LEU F 92 4.15 30.91 34.85
N LEU F 93 3.23 31.34 33.99
CA LEU F 93 2.96 32.77 33.87
C LEU F 93 2.42 33.34 35.17
N ALA F 94 1.53 32.61 35.84
CA ALA F 94 0.97 33.10 37.10
C ALA F 94 2.06 33.29 38.14
N VAL F 95 2.95 32.31 38.28
CA VAL F 95 4.00 32.41 39.28
C VAL F 95 5.01 33.49 38.91
N GLY F 96 5.30 33.64 37.62
CA GLY F 96 6.21 34.70 37.21
C GLY F 96 5.66 36.07 37.50
N LEU F 97 4.37 36.28 37.25
CA LEU F 97 3.78 37.58 37.55
C LEU F 97 3.61 37.80 39.04
N ALA F 98 3.34 36.74 39.81
CA ALA F 98 3.24 36.89 41.26
C ALA F 98 4.58 37.25 41.86
N SER F 99 5.66 36.61 41.40
CA SER F 99 6.99 36.94 41.89
C SER F 99 7.44 38.33 41.46
N ALA F 100 6.79 38.90 40.44
CA ALA F 100 7.19 40.22 39.96
C ALA F 100 6.90 41.32 40.96
N LYS F 101 6.02 41.07 41.94
CA LYS F 101 5.68 42.06 42.94
C LYS F 101 6.27 41.67 44.28
N ALA F 102 6.31 42.64 45.19
CA ALA F 102 6.91 42.40 46.50
C ALA F 102 6.08 41.38 47.28
N PRO F 103 6.73 40.52 48.07
CA PRO F 103 5.97 39.56 48.88
C PRO F 103 4.99 40.22 49.84
N SER F 104 5.32 41.41 50.34
CA SER F 104 4.42 42.11 51.25
C SER F 104 3.10 42.47 50.57
N ALA F 105 3.17 42.94 49.34
CA ALA F 105 1.98 43.37 48.61
C ALA F 105 1.25 42.22 47.95
N ARG F 106 1.77 41.01 48.05
CA ARG F 106 1.16 39.90 47.33
C ARG F 106 -0.20 39.57 47.94
N THR F 107 -1.18 39.34 47.08
CA THR F 107 -2.51 38.94 47.52
C THR F 107 -2.44 37.59 48.21
N PRO F 108 -3.39 37.32 49.12
CA PRO F 108 -3.34 36.02 49.82
C PRO F 108 -3.32 34.83 48.89
N GLU F 109 -4.08 34.89 47.79
CA GLU F 109 -4.03 33.79 46.83
C GLU F 109 -2.65 33.69 46.21
N GLU F 110 -1.93 34.81 46.10
CA GLU F 110 -0.60 34.77 45.50
C GLU F 110 0.38 33.98 46.36
N ARG F 111 0.42 34.23 47.67
CA ARG F 111 1.23 33.38 48.54
C ARG F 111 0.69 31.96 48.59
N ASP F 112 -0.63 31.78 48.50
CA ASP F 112 -1.17 30.43 48.53
C ASP F 112 -0.66 29.62 47.35
N LEU F 113 -0.71 30.20 46.15
CA LEU F 113 -0.22 29.52 44.97
C LEU F 113 1.31 29.39 44.98
N LEU F 114 2.01 30.36 45.56
CA LEU F 114 3.46 30.22 45.69
C LEU F 114 3.80 29.02 46.55
N ASN F 115 3.12 28.88 47.69
CA ASN F 115 3.34 27.70 48.53
C ASN F 115 2.97 26.42 47.79
N VAL F 116 1.86 26.45 47.07
CA VAL F 116 1.42 25.27 46.33
C VAL F 116 2.47 24.86 45.31
N ALA F 117 3.03 25.83 44.59
CA ALA F 117 4.09 25.56 43.64
C ALA F 117 5.35 25.05 44.36
N ASP F 118 5.59 25.51 45.58
CA ASP F 118 6.71 24.99 46.35
C ASP F 118 6.55 23.50 46.60
N GLU F 119 5.38 23.08 47.10
CA GLU F 119 5.19 21.65 47.27
C GLU F 119 5.18 20.92 45.93
N GLY F 120 4.70 21.58 44.87
CA GLY F 120 4.71 20.95 43.57
C GLY F 120 6.10 20.65 43.08
N ARG F 121 7.02 21.62 43.20
CA ARG F 121 8.39 21.37 42.79
C ARG F 121 9.04 20.33 43.68
N ALA F 122 8.71 20.35 44.99
CA ALA F 122 9.26 19.33 45.88
C ALA F 122 8.83 17.95 45.44
N TRP F 123 7.54 17.78 45.13
CA TRP F 123 7.02 16.50 44.66
C TRP F 123 7.67 16.10 43.35
N ILE F 124 7.83 17.05 42.42
CA ILE F 124 8.42 16.73 41.13
C ILE F 124 9.87 16.30 41.29
N ASP F 125 10.63 17.01 42.13
CA ASP F 125 12.02 16.65 42.36
C ASP F 125 12.13 15.29 43.03
N ALA F 126 11.25 15.00 43.99
CA ALA F 126 11.27 13.70 44.64
C ALA F 126 10.96 12.59 43.65
N VAL F 127 9.97 12.80 42.78
CA VAL F 127 9.62 11.80 41.79
C VAL F 127 10.79 11.57 40.84
N ARG F 128 11.43 12.65 40.39
CA ARG F 128 12.56 12.52 39.48
C ARG F 128 13.71 11.77 40.14
N ALA F 129 14.01 12.09 41.40
CA ALA F 129 15.09 11.42 42.09
C ALA F 129 14.79 9.94 42.27
N ARG F 130 13.55 9.60 42.65
CA ARG F 130 13.19 8.20 42.83
C ARG F 130 13.26 7.44 41.52
N VAL F 131 12.81 8.06 40.42
CA VAL F 131 12.87 7.41 39.12
C VAL F 131 14.32 7.18 38.71
N HIS F 132 15.17 8.18 38.91
CA HIS F 132 16.59 8.01 38.57
C HIS F 132 17.23 6.92 39.39
N ALA F 133 16.91 6.85 40.69
CA ALA F 133 17.46 5.83 41.58
C ALA F 133 16.58 4.57 41.55
N LEU F 134 16.44 4.00 40.36
CA LEU F 134 15.68 2.77 40.19
C LEU F 134 16.36 1.75 39.28
N ALA F 135 17.41 2.13 38.56
CA ALA F 135 18.10 1.17 37.70
C ALA F 135 18.69 0.03 38.51
N GLU F 136 19.16 0.31 39.73
CA GLU F 136 19.64 -0.74 40.61
C GLU F 136 18.51 -1.68 41.03
N HIS F 137 17.26 -1.24 40.91
CA HIS F 137 16.11 -2.08 41.21
C HIS F 137 15.35 -2.53 39.98
N ASP F 138 15.60 -1.91 38.82
CA ASP F 138 14.98 -2.32 37.55
C ASP F 138 13.45 -2.25 37.60
N GLY F 139 12.94 -1.23 38.29
CA GLY F 139 11.51 -0.96 38.26
C GLY F 139 10.64 -2.07 38.84
N VAL F 140 11.07 -2.66 39.94
CA VAL F 140 10.32 -3.73 40.59
C VAL F 140 9.68 -3.16 41.85
N THR F 141 8.66 -3.85 42.35
CA THR F 141 8.00 -3.43 43.58
C THR F 141 9.03 -3.34 44.72
N PRO F 142 9.09 -2.21 45.45
CA PRO F 142 8.23 -1.03 45.38
C PRO F 142 8.32 -0.27 44.06
N LYS F 143 7.18 -0.21 43.35
CA LYS F 143 7.14 0.33 42.00
C LYS F 143 5.74 0.87 41.73
N GLY F 144 5.66 1.88 40.86
CA GLY F 144 4.38 2.44 40.48
C GLY F 144 3.95 3.56 41.41
N GLU F 145 3.08 3.23 42.37
CA GLU F 145 2.71 4.19 43.40
C GLU F 145 3.91 4.55 44.27
N ASP F 146 4.92 3.69 44.32
CA ASP F 146 6.15 3.97 45.05
C ASP F 146 7.16 4.70 44.17
N ARG F 147 7.23 4.34 42.89
CA ARG F 147 8.00 5.13 41.94
C ARG F 147 7.38 6.51 41.76
N TRP F 148 6.05 6.59 41.70
CA TRP F 148 5.31 7.83 41.57
C TRP F 148 4.42 8.00 42.80
N PRO F 149 4.91 8.68 43.83
CA PRO F 149 4.09 8.89 45.03
C PRO F 149 2.88 9.76 44.74
N ALA F 150 1.85 9.56 45.54
CA ALA F 150 0.61 10.30 45.36
C ALA F 150 0.84 11.78 45.62
N PRO F 151 0.53 12.66 44.68
CA PRO F 151 0.71 14.10 44.91
C PRO F 151 -0.26 14.60 45.97
N SER F 152 0.14 15.70 46.62
CA SER F 152 -0.66 16.27 47.69
C SER F 152 -1.93 16.91 47.13
N GLU F 153 -2.80 17.33 48.04
CA GLU F 153 -4.04 18.00 47.64
C GLU F 153 -3.76 19.30 46.92
N ALA F 154 -2.65 19.95 47.24
CA ALA F 154 -2.28 21.18 46.54
C ALA F 154 -2.03 20.91 45.06
N VAL F 155 -1.44 19.77 44.75
CA VAL F 155 -1.15 19.43 43.36
C VAL F 155 -2.46 19.28 42.57
N LEU F 156 -3.41 18.52 43.13
CA LEU F 156 -4.68 18.37 42.45
C LEU F 156 -5.45 19.69 42.38
N GLU F 157 -5.33 20.52 43.41
CA GLU F 157 -6.01 21.81 43.38
C GLU F 157 -5.46 22.71 42.28
N MET F 158 -4.13 22.75 42.13
CA MET F 158 -3.55 23.58 41.08
C MET F 158 -3.83 22.99 39.70
N ALA F 159 -3.94 21.67 39.60
CA ALA F 159 -4.40 21.08 38.35
C ALA F 159 -5.84 21.47 38.05
N ALA F 160 -6.67 21.56 39.10
CA ALA F 160 -8.08 21.89 38.90
C ALA F 160 -8.24 23.34 38.45
N LYS F 161 -7.53 24.28 39.08
CA LYS F 161 -7.72 25.68 38.72
C LYS F 161 -7.26 25.97 37.29
N PHE F 162 -6.09 25.48 36.89
CA PHE F 162 -5.59 25.75 35.54
C PHE F 162 -5.43 24.47 34.74
#